data_3P94
#
_entry.id   3P94
#
_cell.length_a   72.800
_cell.length_b   58.360
_cell.length_c   98.610
_cell.angle_alpha   90.000
_cell.angle_beta   98.120
_cell.angle_gamma   90.000
#
_symmetry.space_group_name_H-M   'P 1 21 1'
#
loop_
_entity.id
_entity.type
_entity.pdbx_description
1 polymer 'GDSL-like Lipase'
2 non-polymer 'TETRAETHYLENE GLYCOL'
3 water water
#
_entity_poly.entity_id   1
_entity_poly.type   'polypeptide(L)'
_entity_poly.pdbx_seq_one_letter_code
;GEKGDWAQFGRYAEANKTVKVPSNVVF(MSE)GNSITDGWWPADSTFFIRNNFVDRGISGQTTSE(MSE)LVRFRQDVIN
LKPKAVVILAGINDIAHNNGVIALENVFGNLVS(MSE)AELAKANHIKVIFCSVLPAYDFPWRPG(MSE)QPADKVIQLN
KWIKEYADKNGLTYVDYHSA(MSE)KDERNGLPANLSKDGVHPTLEGYKI(MSE)EKIVLEAIHKTVK
;
_entity_poly.pdbx_strand_id   A,B,C,D
#
# COMPACT_ATOMS: atom_id res chain seq x y z
N GLY A 1 9.52 16.50 33.45
CA GLY A 1 9.50 15.44 32.45
C GLY A 1 10.70 14.53 32.53
N GLU A 2 10.91 13.72 31.47
CA GLU A 2 12.03 12.77 31.35
CA GLU A 2 12.03 12.78 31.35
C GLU A 2 13.35 13.55 31.29
N LYS A 3 14.42 12.97 31.83
CA LYS A 3 15.72 13.63 31.80
C LYS A 3 16.61 12.97 30.76
N GLY A 4 16.55 11.66 30.68
CA GLY A 4 17.40 10.86 29.81
C GLY A 4 16.84 10.56 28.44
N ASP A 5 17.30 9.46 27.87
CA ASP A 5 16.95 8.96 26.54
C ASP A 5 15.65 8.11 26.64
N TRP A 6 14.49 8.78 26.56
CA TRP A 6 13.16 8.19 26.74
C TRP A 6 12.92 6.95 25.84
N ALA A 7 13.20 7.06 24.53
CA ALA A 7 12.97 5.97 23.58
C ALA A 7 14.11 4.93 23.60
N GLN A 8 15.18 5.22 24.35
CA GLN A 8 16.39 4.38 24.50
C GLN A 8 17.04 4.08 23.12
N PHE A 9 17.28 5.15 22.35
CA PHE A 9 17.96 5.08 21.04
C PHE A 9 19.42 4.63 21.24
N GLY A 10 19.98 4.98 22.41
CA GLY A 10 21.35 4.66 22.81
C GLY A 10 21.62 3.19 23.05
N ARG A 11 20.57 2.38 23.31
CA ARG A 11 20.74 0.95 23.57
C ARG A 11 21.35 0.22 22.35
N TYR A 12 20.81 0.45 21.14
CA TYR A 12 21.32 -0.26 19.95
C TYR A 12 21.95 0.63 18.88
N ALA A 13 22.12 1.96 19.14
CA ALA A 13 22.70 2.88 18.15
C ALA A 13 24.05 2.35 17.60
N GLU A 14 24.93 1.86 18.48
CA GLU A 14 26.25 1.34 18.11
C GLU A 14 26.15 -0.01 17.41
N ALA A 15 25.33 -0.93 17.95
CA ALA A 15 25.10 -2.25 17.37
C ALA A 15 24.57 -2.18 15.93
N ASN A 16 23.70 -1.19 15.64
CA ASN A 16 23.11 -0.98 14.30
C ASN A 16 24.18 -0.68 13.23
N LYS A 17 25.30 -0.07 13.62
CA LYS A 17 26.40 0.32 12.71
C LYS A 17 27.16 -0.89 12.13
N THR A 18 27.03 -2.10 12.71
CA THR A 18 27.74 -3.27 12.20
C THR A 18 26.77 -4.36 11.69
N VAL A 19 25.46 -4.07 11.70
CA VAL A 19 24.45 -4.97 11.14
C VAL A 19 24.57 -4.88 9.61
N LYS A 20 24.59 -6.04 8.92
CA LYS A 20 24.63 -6.04 7.45
C LYS A 20 23.25 -5.60 6.95
N VAL A 21 23.23 -4.54 6.11
CA VAL A 21 21.99 -3.97 5.58
C VAL A 21 21.99 -4.10 4.04
N PRO A 22 20.91 -4.63 3.40
CA PRO A 22 19.63 -5.10 3.99
C PRO A 22 19.80 -6.35 4.86
N SER A 23 19.01 -6.41 5.94
CA SER A 23 19.03 -7.50 6.91
C SER A 23 17.90 -8.50 6.64
N ASN A 24 17.80 -9.55 7.47
CA ASN A 24 16.82 -10.62 7.27
C ASN A 24 15.54 -10.33 8.06
N VAL A 25 15.53 -10.64 9.37
CA VAL A 25 14.35 -10.45 10.24
C VAL A 25 14.80 -9.76 11.50
N VAL A 26 14.07 -8.71 11.88
CA VAL A 26 14.32 -7.96 13.09
C VAL A 26 13.21 -8.33 14.10
N PHE A 27 13.60 -8.64 15.34
CA PHE A 27 12.67 -8.92 16.42
C PHE A 27 12.54 -7.65 17.26
N GLY A 29 10.64 -5.70 20.28
CA GLY A 29 9.93 -6.03 21.49
C GLY A 29 10.39 -5.39 22.78
N ASN A 30 9.83 -5.91 23.86
CA ASN A 30 10.03 -5.48 25.23
C ASN A 30 10.94 -6.46 26.00
N SER A 31 10.66 -6.66 27.31
CA SER A 31 11.43 -7.53 28.20
CA SER A 31 11.43 -7.53 28.20
C SER A 31 11.37 -9.01 27.77
N ILE A 32 10.27 -9.43 27.12
CA ILE A 32 10.15 -10.82 26.65
C ILE A 32 11.16 -11.06 25.50
N THR A 33 11.29 -10.10 24.58
CA THR A 33 12.27 -10.21 23.50
C THR A 33 13.68 -10.02 24.11
N ASP A 34 13.83 -9.04 25.01
CA ASP A 34 15.13 -8.75 25.67
C ASP A 34 15.64 -9.93 26.56
N GLY A 35 14.74 -10.76 27.06
CA GLY A 35 15.08 -11.91 27.89
C GLY A 35 15.43 -13.16 27.12
N TRP A 36 15.24 -13.13 25.80
CA TRP A 36 15.47 -14.29 24.95
C TRP A 36 16.97 -14.62 24.84
N TRP A 37 17.86 -13.62 24.59
CA TRP A 37 19.30 -13.88 24.47
C TRP A 37 19.89 -14.53 25.77
N PRO A 38 19.67 -14.02 27.02
CA PRO A 38 20.22 -14.73 28.18
C PRO A 38 19.74 -16.18 28.32
N ALA A 39 18.49 -16.47 27.89
CA ALA A 39 17.91 -17.81 27.93
C ALA A 39 18.50 -18.74 26.85
N ASP A 40 18.73 -18.21 25.63
CA ASP A 40 19.23 -18.98 24.48
C ASP A 40 20.12 -18.04 23.64
N SER A 41 21.38 -17.90 24.05
CA SER A 41 22.37 -16.97 23.47
C SER A 41 22.60 -17.09 21.95
N THR A 42 22.30 -18.24 21.32
CA THR A 42 22.53 -18.38 19.88
C THR A 42 21.23 -18.37 19.04
N PHE A 43 20.03 -18.17 19.65
CA PHE A 43 18.75 -18.17 18.92
C PHE A 43 18.73 -17.20 17.73
N PHE A 44 19.13 -15.96 17.95
CA PHE A 44 19.10 -14.97 16.89
C PHE A 44 20.21 -15.21 15.88
N ILE A 45 21.45 -15.44 16.35
CA ILE A 45 22.62 -15.63 15.48
C ILE A 45 22.46 -16.86 14.56
N ARG A 46 21.98 -18.02 15.05
CA ARG A 46 21.87 -19.23 14.21
C ARG A 46 20.79 -19.12 13.13
N ASN A 47 19.84 -18.18 13.30
CA ASN A 47 18.78 -17.97 12.33
C ASN A 47 18.96 -16.68 11.51
N ASN A 48 20.04 -15.92 11.79
CA ASN A 48 20.34 -14.63 11.18
C ASN A 48 19.20 -13.65 11.47
N PHE A 49 18.80 -13.58 12.75
CA PHE A 49 17.78 -12.64 13.23
C PHE A 49 18.46 -11.52 13.99
N VAL A 50 17.88 -10.32 13.95
CA VAL A 50 18.42 -9.15 14.65
C VAL A 50 17.55 -8.92 15.89
N ASP A 51 18.15 -8.99 17.08
CA ASP A 51 17.42 -8.82 18.35
C ASP A 51 17.40 -7.34 18.73
N ARG A 52 16.21 -6.75 18.77
CA ARG A 52 16.04 -5.35 19.12
C ARG A 52 15.01 -5.18 20.26
N GLY A 53 14.97 -6.15 21.18
CA GLY A 53 14.11 -6.08 22.35
C GLY A 53 14.70 -5.19 23.42
N ILE A 54 13.88 -4.38 24.10
CA ILE A 54 14.35 -3.51 25.19
C ILE A 54 13.41 -3.65 26.38
N SER A 55 13.95 -4.12 27.53
CA SER A 55 13.20 -4.30 28.76
C SER A 55 12.38 -3.07 29.15
N GLY A 56 11.14 -3.30 29.59
CA GLY A 56 10.21 -2.29 30.10
C GLY A 56 9.53 -1.38 29.09
N GLN A 57 9.87 -1.50 27.81
CA GLN A 57 9.31 -0.60 26.79
C GLN A 57 7.85 -0.89 26.47
N THR A 58 7.11 0.18 26.16
CA THR A 58 5.72 0.10 25.73
C THR A 58 5.70 0.33 24.22
N THR A 59 4.51 0.22 23.60
CA THR A 59 4.36 0.43 22.14
C THR A 59 4.74 1.88 21.75
N SER A 60 4.64 2.86 22.71
CA SER A 60 4.97 4.26 22.45
C SER A 60 6.48 4.42 22.16
N GLU A 61 7.38 3.89 23.02
CA GLU A 61 8.83 3.99 22.80
C GLU A 61 9.20 3.24 21.53
N LEU A 63 7.31 2.68 18.81
CA LEU A 63 6.91 3.43 17.59
C LEU A 63 7.97 4.52 17.28
N VAL A 64 8.50 5.18 18.32
CA VAL A 64 9.52 6.23 18.17
C VAL A 64 10.90 5.60 17.78
N ARG A 65 11.26 4.48 18.40
CA ARG A 65 12.52 3.75 18.15
C ARG A 65 12.51 2.97 16.81
N PHE A 66 11.31 2.72 16.25
CA PHE A 66 11.06 1.93 15.04
C PHE A 66 11.92 2.30 13.85
N ARG A 67 12.11 3.61 13.60
CA ARG A 67 12.90 4.08 12.46
C ARG A 67 14.39 3.62 12.56
N GLN A 68 15.04 3.78 13.73
CA GLN A 68 16.44 3.42 13.94
CA GLN A 68 16.45 3.41 13.90
C GLN A 68 16.66 1.90 14.01
N ASP A 69 15.83 1.22 14.79
CA ASP A 69 16.02 -0.20 15.05
C ASP A 69 15.31 -1.15 14.10
N VAL A 70 14.47 -0.64 13.16
CA VAL A 70 13.77 -1.50 12.20
C VAL A 70 13.96 -0.95 10.79
N ILE A 71 13.34 0.21 10.48
CA ILE A 71 13.35 0.81 9.12
C ILE A 71 14.78 0.97 8.57
N ASN A 72 15.69 1.59 9.35
CA ASN A 72 17.06 1.84 8.90
C ASN A 72 17.89 0.57 8.70
N LEU A 73 17.43 -0.59 9.23
CA LEU A 73 18.13 -1.86 9.04
C LEU A 73 17.65 -2.57 7.76
N LYS A 74 16.63 -2.01 7.08
CA LYS A 74 16.02 -2.53 5.84
C LYS A 74 15.80 -4.09 5.90
N PRO A 75 15.07 -4.64 6.89
CA PRO A 75 14.89 -6.10 6.91
C PRO A 75 13.80 -6.56 5.94
N LYS A 76 13.76 -7.87 5.66
CA LYS A 76 12.71 -8.48 4.85
C LYS A 76 11.40 -8.47 5.66
N ALA A 77 11.52 -8.71 6.98
CA ALA A 77 10.38 -8.72 7.89
C ALA A 77 10.74 -8.23 9.29
N VAL A 78 9.71 -7.85 10.05
CA VAL A 78 9.84 -7.44 11.44
C VAL A 78 8.84 -8.30 12.25
N VAL A 79 9.31 -8.87 13.35
CA VAL A 79 8.50 -9.68 14.26
C VAL A 79 8.21 -8.77 15.43
N ILE A 80 6.91 -8.43 15.63
CA ILE A 80 6.56 -7.51 16.71
C ILE A 80 5.81 -8.24 17.84
N LEU A 81 6.35 -8.15 19.05
CA LEU A 81 5.74 -8.66 20.26
C LEU A 81 5.76 -7.51 21.26
N ALA A 82 4.61 -6.84 21.40
CA ALA A 82 4.51 -5.63 22.23
C ALA A 82 3.09 -5.40 22.75
N GLY A 83 3.01 -4.63 23.83
CA GLY A 83 1.73 -4.26 24.42
C GLY A 83 1.57 -4.58 25.89
N ILE A 84 2.28 -5.60 26.41
CA ILE A 84 2.14 -5.99 27.82
C ILE A 84 2.56 -4.85 28.78
N ASN A 85 3.63 -4.11 28.45
CA ASN A 85 4.06 -3.02 29.35
C ASN A 85 3.12 -1.82 29.28
N ASP A 86 2.36 -1.68 28.17
CA ASP A 86 1.30 -0.66 28.04
C ASP A 86 0.15 -1.01 28.99
N ILE A 87 -0.18 -2.32 29.08
CA ILE A 87 -1.24 -2.85 29.97
C ILE A 87 -0.79 -2.64 31.43
N ALA A 88 0.52 -2.74 31.69
CA ALA A 88 1.08 -2.51 33.03
C ALA A 88 1.27 -1.00 33.33
N HIS A 89 0.99 -0.12 32.34
CA HIS A 89 1.12 1.34 32.42
C HIS A 89 2.57 1.77 32.71
N ASN A 90 3.56 1.11 32.09
CA ASN A 90 4.98 1.46 32.30
C ASN A 90 5.29 2.90 31.87
N ASN A 91 4.61 3.39 30.82
CA ASN A 91 4.79 4.76 30.34
C ASN A 91 3.57 5.61 30.70
N GLY A 92 2.93 5.25 31.81
CA GLY A 92 1.74 5.93 32.30
C GLY A 92 0.47 5.31 31.76
N VAL A 93 -0.70 5.88 32.14
CA VAL A 93 -2.01 5.42 31.73
CA VAL A 93 -2.02 5.42 31.73
C VAL A 93 -2.16 5.56 30.20
N ILE A 94 -2.69 4.53 29.56
CA ILE A 94 -2.93 4.52 28.12
C ILE A 94 -4.15 3.61 27.85
N ALA A 95 -5.12 4.10 27.05
CA ALA A 95 -6.30 3.32 26.67
C ALA A 95 -5.87 2.20 25.74
N LEU A 96 -6.47 1.01 25.89
CA LEU A 96 -6.10 -0.18 25.12
C LEU A 96 -6.19 0.06 23.61
N GLU A 97 -7.16 0.88 23.16
CA GLU A 97 -7.35 1.24 21.75
CA GLU A 97 -7.35 1.25 21.74
C GLU A 97 -6.13 2.02 21.21
N ASN A 98 -5.48 2.83 22.06
CA ASN A 98 -4.32 3.63 21.70
C ASN A 98 -3.04 2.78 21.65
N VAL A 99 -3.02 1.68 22.43
CA VAL A 99 -1.95 0.67 22.42
C VAL A 99 -2.00 0.00 21.04
N PHE A 100 -3.23 -0.42 20.64
CA PHE A 100 -3.48 -1.01 19.33
C PHE A 100 -3.10 -0.03 18.21
N GLY A 101 -3.43 1.26 18.38
CA GLY A 101 -3.13 2.32 17.43
C GLY A 101 -1.65 2.46 17.14
N ASN A 102 -0.81 2.34 18.19
CA ASN A 102 0.64 2.38 18.07
C ASN A 102 1.14 1.21 17.22
N LEU A 103 0.54 0.01 17.43
CA LEU A 103 0.91 -1.19 16.67
C LEU A 103 0.51 -1.02 15.20
N VAL A 104 -0.66 -0.40 14.92
CA VAL A 104 -1.13 -0.11 13.55
C VAL A 104 -0.15 0.89 12.87
N SER A 105 0.30 1.91 13.60
CA SER A 105 1.24 2.89 13.05
C SER A 105 2.59 2.21 12.73
N ALA A 107 2.93 -1.01 11.88
CA ALA A 107 2.61 -1.83 10.71
C ALA A 107 2.60 -0.98 9.43
N GLU A 108 2.00 0.23 9.50
CA GLU A 108 1.91 1.13 8.35
C GLU A 108 3.29 1.69 7.96
N LEU A 109 4.15 1.99 8.95
CA LEU A 109 5.52 2.46 8.68
C LEU A 109 6.35 1.36 8.02
N ALA A 110 6.19 0.10 8.49
CA ALA A 110 6.89 -1.05 7.92
C ALA A 110 6.44 -1.28 6.47
N LYS A 111 5.11 -1.25 6.20
CA LYS A 111 4.61 -1.48 4.86
CA LYS A 111 4.60 -1.48 4.85
C LYS A 111 5.10 -0.39 3.87
N ALA A 112 5.12 0.89 4.32
CA ALA A 112 5.58 2.02 3.50
C ALA A 112 7.08 1.88 3.14
N ASN A 113 7.83 1.11 3.94
CA ASN A 113 9.25 0.87 3.75
C ASN A 113 9.53 -0.56 3.24
N HIS A 114 8.48 -1.23 2.74
CA HIS A 114 8.47 -2.55 2.10
C HIS A 114 8.99 -3.65 3.04
N ILE A 115 8.62 -3.56 4.32
CA ILE A 115 8.97 -4.55 5.34
C ILE A 115 7.70 -5.34 5.68
N LYS A 116 7.78 -6.69 5.64
CA LYS A 116 6.65 -7.56 5.99
C LYS A 116 6.47 -7.58 7.51
N VAL A 117 5.23 -7.38 8.00
CA VAL A 117 4.98 -7.39 9.44
C VAL A 117 4.47 -8.76 9.89
N ILE A 118 5.11 -9.30 10.92
CA ILE A 118 4.71 -10.52 11.58
C ILE A 118 4.29 -10.11 12.99
N PHE A 119 2.98 -10.11 13.26
CA PHE A 119 2.47 -9.74 14.58
C PHE A 119 2.39 -10.95 15.49
N CYS A 120 2.78 -10.77 16.77
CA CYS A 120 2.71 -11.83 17.78
C CYS A 120 1.64 -11.51 18.78
N SER A 121 0.92 -12.55 19.22
CA SER A 121 -0.05 -12.45 20.29
C SER A 121 0.67 -12.03 21.55
N VAL A 122 0.12 -11.08 22.30
CA VAL A 122 0.68 -10.70 23.60
C VAL A 122 0.58 -11.97 24.45
N LEU A 123 1.65 -12.31 25.20
CA LEU A 123 1.67 -13.52 26.02
C LEU A 123 0.62 -13.45 27.15
N PRO A 124 0.12 -14.63 27.60
CA PRO A 124 -0.80 -14.63 28.75
C PRO A 124 -0.12 -14.04 29.98
N ALA A 125 -0.89 -13.32 30.80
CA ALA A 125 -0.42 -12.74 32.06
C ALA A 125 -1.62 -12.59 32.98
N TYR A 126 -1.55 -13.20 34.16
CA TYR A 126 -2.63 -13.15 35.13
C TYR A 126 -2.42 -11.98 36.11
N ASP A 127 -1.15 -11.61 36.38
CA ASP A 127 -0.81 -10.53 37.30
C ASP A 127 0.62 -10.05 37.08
N PHE A 128 0.88 -8.78 37.39
CA PHE A 128 2.21 -8.18 37.30
C PHE A 128 2.78 -8.07 38.71
N PRO A 129 3.75 -8.91 39.11
CA PRO A 129 4.26 -8.80 40.49
C PRO A 129 4.79 -7.39 40.83
N TRP A 130 5.36 -6.70 39.81
CA TRP A 130 5.94 -5.35 39.89
CA TRP A 130 5.93 -5.36 39.89
C TRP A 130 4.85 -4.25 39.86
N ARG A 131 3.62 -4.58 39.40
CA ARG A 131 2.48 -3.65 39.34
C ARG A 131 1.19 -4.42 39.75
N PRO A 132 1.03 -4.76 41.04
CA PRO A 132 -0.13 -5.59 41.46
C PRO A 132 -1.52 -4.97 41.24
N GLY A 133 -2.52 -5.85 41.15
CA GLY A 133 -3.94 -5.53 41.00
C GLY A 133 -4.37 -4.90 39.70
N GLN A 135 -5.14 -6.68 36.90
CA GLN A 135 -5.99 -7.68 36.22
C GLN A 135 -5.73 -7.72 34.67
N PRO A 136 -4.50 -8.07 34.24
CA PRO A 136 -4.19 -8.01 32.80
C PRO A 136 -4.78 -9.09 31.88
N ALA A 137 -5.18 -10.28 32.42
CA ALA A 137 -5.62 -11.43 31.62
C ALA A 137 -6.59 -11.11 30.49
N ASP A 138 -7.72 -10.45 30.78
CA ASP A 138 -8.74 -10.15 29.77
C ASP A 138 -8.35 -9.00 28.86
N LYS A 139 -7.45 -8.10 29.33
CA LYS A 139 -6.93 -6.97 28.54
C LYS A 139 -6.03 -7.51 27.44
N VAL A 140 -5.19 -8.52 27.78
CA VAL A 140 -4.31 -9.23 26.83
C VAL A 140 -5.19 -9.88 25.74
N ILE A 141 -6.27 -10.57 26.15
CA ILE A 141 -7.18 -11.26 25.23
C ILE A 141 -7.85 -10.23 24.30
N GLN A 142 -8.32 -9.08 24.84
CA GLN A 142 -8.98 -8.04 24.02
C GLN A 142 -8.01 -7.46 22.98
N LEU A 143 -6.79 -7.10 23.41
CA LEU A 143 -5.76 -6.55 22.52
C LEU A 143 -5.43 -7.56 21.43
N ASN A 144 -5.28 -8.87 21.78
CA ASN A 144 -4.96 -9.92 20.82
C ASN A 144 -6.06 -10.11 19.78
N LYS A 145 -7.33 -9.90 20.18
CA LYS A 145 -8.48 -9.99 19.27
C LYS A 145 -8.35 -8.94 18.19
N TRP A 146 -7.99 -7.71 18.58
CA TRP A 146 -7.79 -6.57 17.67
C TRP A 146 -6.58 -6.79 16.76
N ILE A 147 -5.45 -7.26 17.32
CA ILE A 147 -4.23 -7.55 16.56
C ILE A 147 -4.52 -8.61 15.50
N LYS A 148 -5.15 -9.73 15.90
CA LYS A 148 -5.48 -10.84 14.98
C LYS A 148 -6.42 -10.39 13.85
N GLU A 149 -7.47 -9.62 14.19
CA GLU A 149 -8.44 -9.13 13.20
C GLU A 149 -7.75 -8.17 12.21
N TYR A 150 -6.85 -7.29 12.70
CA TYR A 150 -6.06 -6.38 11.85
C TYR A 150 -5.13 -7.18 10.92
N ALA A 151 -4.40 -8.17 11.47
CA ALA A 151 -3.47 -9.00 10.71
C ALA A 151 -4.20 -9.76 9.59
N ASP A 152 -5.37 -10.37 9.91
CA ASP A 152 -6.18 -11.12 8.95
C ASP A 152 -6.68 -10.22 7.81
N LYS A 153 -7.20 -9.03 8.17
CA LYS A 153 -7.77 -8.06 7.22
C LYS A 153 -6.68 -7.44 6.32
N ASN A 154 -5.41 -7.43 6.76
CA ASN A 154 -4.33 -6.79 6.00
C ASN A 154 -3.28 -7.76 5.46
N GLY A 155 -3.62 -9.05 5.42
CA GLY A 155 -2.74 -10.09 4.91
C GLY A 155 -1.41 -10.24 5.64
N LEU A 156 -1.41 -9.98 6.95
CA LEU A 156 -0.22 -10.10 7.79
C LEU A 156 -0.27 -11.41 8.56
N THR A 157 0.90 -11.99 8.84
CA THR A 157 1.00 -13.24 9.60
C THR A 157 0.77 -12.96 11.10
N TYR A 158 -0.06 -13.80 11.76
CA TYR A 158 -0.31 -13.69 13.20
C TYR A 158 0.30 -14.90 13.90
N VAL A 159 1.17 -14.66 14.89
CA VAL A 159 1.86 -15.71 15.65
C VAL A 159 1.11 -15.87 16.97
N ASP A 160 0.40 -17.01 17.12
CA ASP A 160 -0.41 -17.24 18.32
C ASP A 160 0.37 -18.00 19.42
N TYR A 161 1.23 -17.25 20.12
CA TYR A 161 1.92 -17.77 21.29
C TYR A 161 0.93 -18.06 22.41
N HIS A 162 -0.03 -17.14 22.60
CA HIS A 162 -1.02 -17.11 23.68
C HIS A 162 -1.80 -18.42 23.83
N SER A 163 -2.41 -18.94 22.74
CA SER A 163 -3.18 -20.20 22.81
C SER A 163 -2.30 -21.40 23.18
N ALA A 164 -1.02 -21.38 22.74
CA ALA A 164 -0.06 -22.46 23.00
C ALA A 164 0.49 -22.45 24.43
N LYS A 166 -1.16 -20.50 27.36
CA LYS A 166 -2.09 -20.12 28.44
C LYS A 166 -2.51 -21.30 29.33
N ASP A 167 -2.80 -21.00 30.62
CA ASP A 167 -3.36 -21.96 31.57
C ASP A 167 -4.87 -21.66 31.69
N GLU A 168 -5.56 -22.31 32.65
CA GLU A 168 -7.01 -22.18 32.87
CA GLU A 168 -7.00 -22.18 32.89
C GLU A 168 -7.45 -20.75 33.27
N ARG A 169 -6.54 -19.92 33.82
CA ARG A 169 -6.90 -18.55 34.25
C ARG A 169 -6.33 -17.49 33.29
N ASN A 170 -5.93 -17.93 32.07
CA ASN A 170 -5.36 -17.09 30.98
C ASN A 170 -4.07 -16.38 31.42
N GLY A 171 -3.29 -17.07 32.22
CA GLY A 171 -1.98 -16.64 32.68
C GLY A 171 -0.94 -17.62 32.19
N LEU A 172 0.31 -17.45 32.62
CA LEU A 172 1.38 -18.39 32.28
C LEU A 172 1.60 -19.37 33.43
N PRO A 173 1.69 -20.69 33.17
CA PRO A 173 1.95 -21.62 34.29
C PRO A 173 3.41 -21.52 34.75
N ALA A 174 3.69 -21.95 35.99
CA ALA A 174 5.00 -21.88 36.65
C ALA A 174 6.15 -22.49 35.82
N ASN A 175 5.90 -23.59 35.07
CA ASN A 175 6.93 -24.23 34.25
C ASN A 175 7.32 -23.37 33.05
N LEU A 176 6.42 -22.48 32.60
CA LEU A 176 6.70 -21.61 31.46
C LEU A 176 7.17 -20.22 31.86
N SER A 177 7.05 -19.85 33.15
CA SER A 177 7.40 -18.50 33.61
C SER A 177 7.65 -18.45 35.11
N LYS A 178 8.69 -17.71 35.53
CA LYS A 178 8.99 -17.55 36.96
C LYS A 178 8.10 -16.48 37.61
N ASP A 179 7.77 -15.38 36.87
CA ASP A 179 6.93 -14.31 37.41
C ASP A 179 5.49 -14.33 36.84
N GLY A 180 5.20 -15.32 35.99
CA GLY A 180 3.91 -15.44 35.33
C GLY A 180 3.71 -14.50 34.15
N VAL A 181 4.78 -13.80 33.69
CA VAL A 181 4.74 -12.84 32.58
C VAL A 181 5.91 -13.12 31.59
N HIS A 182 7.14 -13.26 32.12
CA HIS A 182 8.35 -13.48 31.33
C HIS A 182 8.71 -14.95 31.30
N PRO A 183 8.90 -15.47 30.09
CA PRO A 183 9.13 -16.92 29.97
C PRO A 183 10.47 -17.40 30.47
N THR A 184 10.49 -18.67 30.82
CA THR A 184 11.69 -19.43 31.15
C THR A 184 12.20 -19.97 29.81
N LEU A 185 13.26 -20.79 29.80
CA LEU A 185 13.75 -21.41 28.56
C LEU A 185 12.67 -22.32 27.96
N GLU A 186 11.91 -23.04 28.80
CA GLU A 186 10.82 -23.92 28.36
C GLU A 186 9.79 -23.13 27.53
N GLY A 187 9.45 -21.93 28.01
CA GLY A 187 8.51 -21.07 27.32
C GLY A 187 9.09 -20.56 26.01
N TYR A 188 10.38 -20.15 26.03
CA TYR A 188 11.06 -19.66 24.82
C TYR A 188 11.15 -20.73 23.74
N LYS A 189 11.27 -22.01 24.13
CA LYS A 189 11.36 -23.12 23.18
C LYS A 189 10.00 -23.34 22.49
N ILE A 190 8.87 -23.14 23.22
CA ILE A 190 7.52 -23.21 22.62
C ILE A 190 7.41 -22.08 21.59
N GLU A 192 9.89 -20.37 20.05
CA GLU A 192 10.85 -20.59 18.97
C GLU A 192 10.23 -21.44 17.84
N LYS A 193 9.57 -22.57 18.20
CA LYS A 193 8.95 -23.49 17.24
C LYS A 193 7.86 -22.79 16.43
N ILE A 194 6.98 -22.03 17.09
CA ILE A 194 5.86 -21.32 16.46
C ILE A 194 6.34 -20.16 15.56
N VAL A 195 7.27 -19.32 16.05
CA VAL A 195 7.75 -18.17 15.27
C VAL A 195 8.61 -18.61 14.08
N LEU A 196 9.39 -19.71 14.21
CA LEU A 196 10.20 -20.19 13.09
C LEU A 196 9.30 -20.66 11.94
N GLU A 197 8.20 -21.34 12.27
CA GLU A 197 7.23 -21.84 11.28
C GLU A 197 6.55 -20.65 10.59
N ALA A 198 6.18 -19.59 11.35
CA ALA A 198 5.56 -18.38 10.81
C ALA A 198 6.52 -17.61 9.88
N ILE A 199 7.80 -17.44 10.29
CA ILE A 199 8.82 -16.74 9.49
C ILE A 199 9.08 -17.49 8.18
N HIS A 200 9.27 -18.83 8.24
CA HIS A 200 9.58 -19.64 7.05
C HIS A 200 8.42 -19.65 6.04
N LYS A 201 7.17 -19.48 6.49
CA LYS A 201 6.01 -19.42 5.61
C LYS A 201 5.85 -17.99 5.02
N THR A 202 6.30 -16.94 5.73
CA THR A 202 6.19 -15.52 5.35
C THR A 202 7.40 -15.01 4.53
N VAL A 203 8.62 -15.37 4.96
CA VAL A 203 9.88 -14.88 4.40
C VAL A 203 10.56 -15.95 3.56
N LYS A 204 10.87 -15.64 2.30
CA LYS A 204 11.54 -16.57 1.41
C LYS A 204 12.87 -15.98 0.91
N GLY B 1 -12.25 -15.81 -32.72
CA GLY B 1 -11.07 -15.40 -31.97
C GLY B 1 -9.98 -14.76 -32.81
N GLU B 2 -9.10 -14.00 -32.11
CA GLU B 2 -7.97 -13.30 -32.72
CA GLU B 2 -7.95 -13.29 -32.70
C GLU B 2 -6.96 -14.31 -33.27
N LYS B 3 -6.24 -13.93 -34.33
CA LYS B 3 -5.24 -14.81 -34.93
C LYS B 3 -3.84 -14.31 -34.59
N GLY B 4 -3.68 -12.99 -34.47
CA GLY B 4 -2.40 -12.35 -34.22
C GLY B 4 -2.12 -12.06 -32.76
N ASP B 5 -1.26 -11.09 -32.53
CA ASP B 5 -0.82 -10.62 -31.20
C ASP B 5 -1.82 -9.56 -30.69
N TRP B 6 -2.88 -10.03 -29.99
CA TRP B 6 -3.98 -9.21 -29.48
C TRP B 6 -3.53 -8.00 -28.65
N ALA B 7 -2.66 -8.19 -27.62
CA ALA B 7 -2.19 -7.11 -26.75
C ALA B 7 -1.14 -6.26 -27.41
N GLN B 8 -0.61 -6.71 -28.57
CA GLN B 8 0.45 -6.05 -29.37
C GLN B 8 1.75 -5.91 -28.55
N PHE B 9 2.17 -7.03 -27.93
CA PHE B 9 3.43 -7.12 -27.19
C PHE B 9 4.62 -6.94 -28.16
N GLY B 10 4.42 -7.30 -29.43
CA GLY B 10 5.43 -7.21 -30.50
C GLY B 10 5.80 -5.79 -30.89
N ARG B 11 4.92 -4.80 -30.63
CA ARG B 11 5.21 -3.42 -31.00
C ARG B 11 6.47 -2.85 -30.26
N TYR B 12 6.58 -3.08 -28.95
CA TYR B 12 7.71 -2.55 -28.18
C TYR B 12 8.60 -3.60 -27.54
N ALA B 13 8.36 -4.91 -27.78
CA ALA B 13 9.16 -6.01 -27.17
C ALA B 13 10.65 -5.81 -27.36
N GLU B 14 11.09 -5.50 -28.59
CA GLU B 14 12.50 -5.29 -28.90
C GLU B 14 13.02 -3.98 -28.33
N ALA B 15 12.24 -2.88 -28.46
CA ALA B 15 12.57 -1.55 -27.93
C ALA B 15 12.83 -1.61 -26.42
N ASN B 16 12.03 -2.39 -25.67
CA ASN B 16 12.14 -2.54 -24.22
C ASN B 16 13.50 -3.09 -23.76
N LYS B 17 14.09 -3.96 -24.58
CA LYS B 17 15.37 -4.63 -24.28
C LYS B 17 16.59 -3.66 -24.22
N THR B 18 16.48 -2.45 -24.80
CA THR B 18 17.59 -1.51 -24.80
C THR B 18 17.25 -0.21 -24.05
N VAL B 19 16.04 -0.12 -23.44
CA VAL B 19 15.64 1.01 -22.61
C VAL B 19 16.49 0.97 -21.36
N LYS B 20 17.02 2.14 -20.93
CA LYS B 20 17.81 2.26 -19.70
CA LYS B 20 17.81 2.24 -19.70
C LYS B 20 16.86 2.03 -18.51
N VAL B 21 17.12 0.98 -17.70
CA VAL B 21 16.30 0.61 -16.54
C VAL B 21 17.15 0.75 -15.27
N PRO B 22 16.66 1.42 -14.19
CA PRO B 22 15.35 2.09 -14.04
C PRO B 22 15.21 3.31 -14.96
N SER B 23 13.98 3.53 -15.45
CA SER B 23 13.66 4.63 -16.36
C SER B 23 13.03 5.80 -15.56
N ASN B 24 12.69 6.89 -16.26
CA ASN B 24 12.13 8.09 -15.64
C ASN B 24 10.60 8.04 -15.62
N VAL B 25 9.96 8.44 -16.72
CA VAL B 25 8.51 8.45 -16.86
C VAL B 25 8.11 7.71 -18.13
N VAL B 26 7.15 6.77 -18.02
CA VAL B 26 6.59 6.05 -19.16
C VAL B 26 5.21 6.64 -19.46
N PHE B 27 4.93 6.90 -20.74
CA PHE B 27 3.64 7.36 -21.20
C PHE B 27 2.90 6.16 -21.77
N GLY B 29 -0.55 4.65 -23.30
CA GLY B 29 -1.73 5.14 -23.98
C GLY B 29 -2.09 4.48 -25.29
N ASN B 30 -3.03 5.13 -25.97
CA ASN B 30 -3.64 4.73 -27.22
C ASN B 30 -3.11 5.58 -28.39
N SER B 31 -3.96 5.88 -29.39
CA SER B 31 -3.61 6.67 -30.56
C SER B 31 -3.24 8.12 -30.23
N ILE B 32 -3.78 8.68 -29.14
CA ILE B 32 -3.43 10.04 -28.73
C ILE B 32 -1.95 10.07 -28.27
N THR B 33 -1.52 9.07 -27.51
CA THR B 33 -0.11 8.96 -27.10
C THR B 33 0.73 8.57 -28.33
N ASP B 34 0.25 7.60 -29.15
CA ASP B 34 0.95 7.14 -30.35
C ASP B 34 1.09 8.24 -31.43
N GLY B 35 0.16 9.21 -31.45
CA GLY B 35 0.18 10.34 -32.39
C GLY B 35 1.07 11.50 -31.99
N TRP B 36 1.61 11.47 -30.75
CA TRP B 36 2.45 12.57 -30.24
C TRP B 36 3.78 12.63 -30.98
N TRP B 37 4.50 11.49 -31.11
CA TRP B 37 5.81 11.49 -31.79
C TRP B 37 5.70 12.08 -33.24
N PRO B 38 4.77 11.67 -34.15
CA PRO B 38 4.74 12.31 -35.48
C PRO B 38 4.46 13.83 -35.42
N ALA B 39 3.71 14.30 -34.40
CA ALA B 39 3.40 15.72 -34.22
C ALA B 39 4.59 16.51 -33.66
N ASP B 40 5.29 15.94 -32.67
CA ASP B 40 6.42 16.53 -31.96
C ASP B 40 7.46 15.41 -31.67
N SER B 41 8.33 15.12 -32.69
CA SER B 41 9.31 14.02 -32.69
C SER B 41 10.32 14.04 -31.53
N THR B 42 10.55 15.20 -30.89
CA THR B 42 11.52 15.28 -29.79
C THR B 42 10.87 15.42 -28.41
N PHE B 43 9.51 15.42 -28.31
CA PHE B 43 8.77 15.55 -27.03
C PHE B 43 9.24 14.56 -25.95
N PHE B 44 9.36 13.29 -26.28
CA PHE B 44 9.75 12.28 -25.29
C PHE B 44 11.25 12.33 -25.01
N ILE B 45 12.07 12.40 -26.06
CA ILE B 45 13.53 12.38 -25.95
C ILE B 45 14.06 13.59 -25.14
N ARG B 46 13.58 14.81 -25.41
CA ARG B 46 14.10 16.01 -24.72
C ARG B 46 13.75 15.99 -23.20
N ASN B 47 12.67 15.33 -22.82
CA ASN B 47 12.26 15.26 -21.42
C ASN B 47 12.65 13.94 -20.73
N ASN B 48 13.30 13.02 -21.47
CA ASN B 48 13.68 11.69 -21.00
C ASN B 48 12.41 10.90 -20.59
N PHE B 49 11.41 10.90 -21.48
CA PHE B 49 10.17 10.15 -21.32
C PHE B 49 10.19 8.94 -22.25
N VAL B 50 9.55 7.83 -21.84
CA VAL B 50 9.47 6.61 -22.66
C VAL B 50 8.04 6.54 -23.23
N ASP B 51 7.94 6.54 -24.57
CA ASP B 51 6.66 6.53 -25.27
C ASP B 51 6.22 5.08 -25.49
N ARG B 52 5.08 4.71 -24.87
CA ARG B 52 4.55 3.36 -25.00
C ARG B 52 3.07 3.40 -25.45
N GLY B 53 2.72 4.40 -26.25
CA GLY B 53 1.39 4.53 -26.82
C GLY B 53 1.21 3.61 -28.03
N ILE B 54 0.03 2.96 -28.15
CA ILE B 54 -0.27 2.09 -29.30
C ILE B 54 -1.66 2.43 -29.86
N SER B 55 -1.72 2.86 -31.14
CA SER B 55 -2.95 3.23 -31.83
CA SER B 55 -2.96 3.24 -31.82
C SER B 55 -4.04 2.16 -31.70
N GLY B 56 -5.27 2.62 -31.47
CA GLY B 56 -6.49 1.81 -31.37
C GLY B 56 -6.72 0.98 -30.12
N GLN B 57 -5.75 0.99 -29.18
CA GLN B 57 -5.86 0.16 -27.99
C GLN B 57 -6.89 0.65 -26.99
N THR B 58 -7.53 -0.30 -26.30
CA THR B 58 -8.46 -0.02 -25.22
C THR B 58 -7.72 -0.28 -23.90
N THR B 59 -8.39 -0.06 -22.77
CA THR B 59 -7.81 -0.30 -21.44
C THR B 59 -7.54 -1.80 -21.22
N SER B 60 -8.25 -2.71 -21.94
CA SER B 60 -8.07 -4.16 -21.82
C SER B 60 -6.68 -4.58 -22.34
N GLU B 61 -6.30 -4.20 -23.57
CA GLU B 61 -4.96 -4.51 -24.13
C GLU B 61 -3.89 -3.85 -23.28
N LEU B 63 -3.98 -3.11 -19.96
CA LEU B 63 -3.83 -3.83 -18.68
C LEU B 63 -2.96 -5.07 -18.89
N VAL B 64 -3.17 -5.81 -19.99
CA VAL B 64 -2.39 -7.03 -20.30
C VAL B 64 -0.93 -6.67 -20.67
N ARG B 65 -0.77 -5.60 -21.44
CA ARG B 65 0.53 -5.12 -21.92
C ARG B 65 1.35 -4.42 -20.79
N PHE B 66 0.67 -3.93 -19.75
CA PHE B 66 1.22 -3.14 -18.63
C PHE B 66 2.51 -3.71 -17.98
N ARG B 67 2.59 -5.03 -17.80
CA ARG B 67 3.76 -5.65 -17.18
C ARG B 67 5.04 -5.45 -18.04
N GLN B 68 4.93 -5.68 -19.35
CA GLN B 68 6.10 -5.56 -20.22
C GLN B 68 6.48 -4.12 -20.53
N ASP B 69 5.49 -3.27 -20.79
CA ASP B 69 5.76 -1.91 -21.22
C ASP B 69 5.79 -0.89 -20.11
N VAL B 70 5.48 -1.27 -18.86
CA VAL B 70 5.53 -0.32 -17.74
C VAL B 70 6.32 -0.92 -16.58
N ILE B 71 5.77 -1.97 -15.91
CA ILE B 71 6.39 -2.60 -14.73
C ILE B 71 7.86 -2.99 -14.98
N ASN B 72 8.12 -3.72 -16.07
CA ASN B 72 9.47 -4.23 -16.36
C ASN B 72 10.49 -3.11 -16.71
N LEU B 73 10.02 -1.89 -17.00
CA LEU B 73 10.90 -0.76 -17.31
C LEU B 73 11.28 0.00 -16.04
N LYS B 74 10.69 -0.40 -14.88
CA LYS B 74 10.93 0.19 -13.56
C LYS B 74 10.97 1.74 -13.59
N PRO B 75 9.92 2.44 -14.10
CA PRO B 75 9.98 3.91 -14.09
C PRO B 75 9.63 4.49 -12.73
N LYS B 76 9.93 5.77 -12.54
CA LYS B 76 9.55 6.51 -11.33
C LYS B 76 8.03 6.71 -11.37
N ALA B 77 7.49 6.99 -12.57
CA ALA B 77 6.08 7.23 -12.74
C ALA B 77 5.57 6.73 -14.10
N VAL B 78 4.25 6.55 -14.18
CA VAL B 78 3.57 6.19 -15.42
C VAL B 78 2.45 7.21 -15.65
N VAL B 79 2.39 7.77 -16.85
CA VAL B 79 1.35 8.73 -17.25
C VAL B 79 0.34 7.91 -18.07
N ILE B 80 -0.90 7.80 -17.59
CA ILE B 80 -1.91 6.97 -18.27
C ILE B 80 -2.99 7.82 -18.87
N LEU B 81 -3.16 7.70 -20.21
CA LEU B 81 -4.26 8.34 -20.94
C LEU B 81 -4.93 7.23 -21.74
N ALA B 82 -6.08 6.77 -21.25
CA ALA B 82 -6.78 5.62 -21.85
C ALA B 82 -8.27 5.63 -21.57
N GLY B 83 -9.03 4.96 -22.44
CA GLY B 83 -10.46 4.81 -22.25
C GLY B 83 -11.33 5.20 -23.42
N ILE B 84 -10.85 6.13 -24.28
CA ILE B 84 -11.64 6.60 -25.42
C ILE B 84 -11.95 5.47 -26.41
N ASN B 85 -11.00 4.54 -26.66
CA ASN B 85 -11.23 3.46 -27.60
C ASN B 85 -12.18 2.42 -27.01
N ASP B 86 -12.27 2.33 -25.66
CA ASP B 86 -13.25 1.48 -24.99
C ASP B 86 -14.64 2.04 -25.21
N ILE B 87 -14.78 3.39 -25.16
CA ILE B 87 -16.05 4.10 -25.38
C ILE B 87 -16.47 3.88 -26.85
N ALA B 88 -15.48 3.81 -27.77
CA ALA B 88 -15.72 3.57 -29.21
C ALA B 88 -15.94 2.07 -29.51
N HIS B 89 -15.80 1.20 -28.48
CA HIS B 89 -15.97 -0.26 -28.55
C HIS B 89 -14.97 -0.89 -29.55
N ASN B 90 -13.70 -0.42 -29.55
CA ASN B 90 -12.66 -0.96 -30.45
C ASN B 90 -12.39 -2.45 -30.16
N ASN B 91 -12.53 -2.87 -28.89
CA ASN B 91 -12.35 -4.28 -28.52
C ASN B 91 -13.73 -4.89 -28.14
N GLY B 92 -14.78 -4.39 -28.77
CA GLY B 92 -16.14 -4.85 -28.55
C GLY B 92 -16.83 -4.07 -27.46
N VAL B 93 -18.08 -4.48 -27.15
CA VAL B 93 -18.90 -3.81 -26.13
CA VAL B 93 -18.91 -3.81 -26.14
C VAL B 93 -18.26 -3.98 -24.75
N ILE B 94 -18.22 -2.90 -23.97
CA ILE B 94 -17.69 -2.91 -22.60
C ILE B 94 -18.42 -1.83 -21.78
N ALA B 95 -18.92 -2.19 -20.59
CA ALA B 95 -19.59 -1.26 -19.69
C ALA B 95 -18.57 -0.25 -19.17
N LEU B 96 -18.98 1.01 -19.03
CA LEU B 96 -18.09 2.10 -18.59
C LEU B 96 -17.44 1.81 -17.23
N GLU B 97 -18.17 1.15 -16.31
CA GLU B 97 -17.61 0.79 -15.00
C GLU B 97 -16.47 -0.23 -15.11
N ASN B 98 -16.47 -1.09 -16.17
CA ASN B 98 -15.44 -2.09 -16.41
C ASN B 98 -14.21 -1.44 -17.06
N VAL B 99 -14.42 -0.31 -17.80
CA VAL B 99 -13.35 0.51 -18.38
C VAL B 99 -12.59 1.12 -17.21
N PHE B 100 -13.34 1.70 -16.25
CA PHE B 100 -12.78 2.27 -15.02
C PHE B 100 -12.05 1.20 -14.22
N GLY B 101 -12.62 -0.02 -14.14
CA GLY B 101 -12.02 -1.15 -13.44
C GLY B 101 -10.65 -1.53 -13.95
N ASN B 102 -10.48 -1.49 -15.30
CA ASN B 102 -9.19 -1.77 -15.93
C ASN B 102 -8.15 -0.72 -15.53
N LEU B 103 -8.57 0.55 -15.45
CA LEU B 103 -7.69 1.65 -15.03
C LEU B 103 -7.29 1.49 -13.55
N VAL B 104 -8.24 1.05 -12.69
CA VAL B 104 -7.97 0.77 -11.26
C VAL B 104 -6.94 -0.37 -11.15
N SER B 105 -7.10 -1.43 -11.97
CA SER B 105 -6.16 -2.56 -11.94
C SER B 105 -4.77 -2.11 -12.36
N ALA B 107 -3.52 0.96 -11.94
CA ALA B 107 -3.06 1.77 -10.81
C ALA B 107 -2.56 0.88 -9.67
N GLU B 108 -3.29 -0.21 -9.37
CA GLU B 108 -2.94 -1.15 -8.30
C GLU B 108 -1.65 -1.91 -8.64
N LEU B 109 -1.47 -2.31 -9.91
CA LEU B 109 -0.25 -3.00 -10.36
C LEU B 109 0.96 -2.09 -10.27
N ALA B 110 0.79 -0.79 -10.65
CA ALA B 110 1.86 0.19 -10.57
C ALA B 110 2.26 0.45 -9.12
N LYS B 111 1.28 0.61 -8.20
CA LYS B 111 1.52 0.84 -6.78
C LYS B 111 2.29 -0.34 -6.14
N ALA B 112 1.89 -1.57 -6.46
CA ALA B 112 2.50 -2.79 -5.93
C ALA B 112 3.97 -2.91 -6.38
N ASN B 113 4.31 -2.26 -7.50
CA ASN B 113 5.65 -2.27 -8.09
C ASN B 113 6.40 -0.92 -7.88
N HIS B 114 5.87 -0.10 -6.95
CA HIS B 114 6.41 1.18 -6.47
C HIS B 114 6.54 2.23 -7.60
N ILE B 115 5.56 2.26 -8.51
CA ILE B 115 5.53 3.23 -9.60
CA ILE B 115 5.48 3.22 -9.61
C ILE B 115 4.42 4.22 -9.27
N LYS B 116 4.72 5.54 -9.37
CA LYS B 116 3.74 6.60 -9.13
C LYS B 116 2.79 6.69 -10.33
N VAL B 117 1.48 6.71 -10.10
CA VAL B 117 0.52 6.82 -11.20
C VAL B 117 0.07 8.26 -11.39
N ILE B 118 0.15 8.73 -12.63
CA ILE B 118 -0.35 10.03 -13.05
C ILE B 118 -1.48 9.73 -14.03
N PHE B 119 -2.73 9.94 -13.58
CA PHE B 119 -3.91 9.71 -14.41
C PHE B 119 -4.25 10.95 -15.21
N CYS B 120 -4.61 10.76 -16.50
CA CYS B 120 -5.03 11.84 -17.39
C CYS B 120 -6.50 11.73 -17.67
N SER B 121 -7.16 12.89 -17.71
CA SER B 121 -8.55 12.97 -18.13
C SER B 121 -8.65 12.49 -19.55
N VAL B 122 -9.64 11.65 -19.86
CA VAL B 122 -9.91 11.24 -21.24
C VAL B 122 -10.26 12.55 -21.98
N LEU B 123 -9.70 12.75 -23.18
CA LEU B 123 -9.94 13.97 -23.93
C LEU B 123 -11.41 14.12 -24.35
N PRO B 124 -11.90 15.37 -24.53
CA PRO B 124 -13.28 15.53 -25.02
C PRO B 124 -13.47 14.89 -26.39
N ALA B 125 -14.66 14.34 -26.63
CA ALA B 125 -15.03 13.74 -27.94
C ALA B 125 -16.52 13.80 -28.10
N TYR B 126 -17.00 14.46 -29.16
CA TYR B 126 -18.42 14.60 -29.44
C TYR B 126 -18.93 13.46 -30.33
N ASP B 127 -18.07 12.92 -31.21
CA ASP B 127 -18.42 11.86 -32.15
C ASP B 127 -17.17 11.18 -32.71
N PHE B 128 -17.32 9.90 -33.08
CA PHE B 128 -16.23 9.11 -33.67
C PHE B 128 -16.46 8.99 -35.17
N PRO B 129 -15.57 9.57 -36.03
CA PRO B 129 -15.77 9.43 -37.50
C PRO B 129 -15.53 8.00 -37.99
N TRP B 130 -14.79 7.19 -37.20
CA TRP B 130 -14.53 5.79 -37.51
C TRP B 130 -15.63 4.87 -36.93
N ARG B 131 -16.53 5.42 -36.07
CA ARG B 131 -17.63 4.68 -35.43
C ARG B 131 -18.83 5.64 -35.20
N PRO B 132 -19.59 5.99 -36.26
CA PRO B 132 -20.68 6.99 -36.10
C PRO B 132 -21.89 6.53 -35.25
N GLY B 133 -22.55 7.53 -34.65
CA GLY B 133 -23.75 7.38 -33.82
C GLY B 133 -23.55 6.69 -32.48
N GLN B 135 -22.55 8.97 -29.38
CA GLN B 135 -22.64 10.08 -28.39
C GLN B 135 -21.64 9.88 -27.20
N PRO B 136 -20.31 9.88 -27.48
CA PRO B 136 -19.30 9.67 -26.41
C PRO B 136 -19.14 10.79 -25.37
N ALA B 137 -19.57 12.05 -25.67
CA ALA B 137 -19.35 13.23 -24.82
C ALA B 137 -19.61 13.02 -23.32
N ASP B 138 -20.81 12.57 -22.95
CA ASP B 138 -21.19 12.38 -21.55
C ASP B 138 -20.52 11.17 -20.93
N LYS B 139 -20.15 10.17 -21.75
CA LYS B 139 -19.47 8.96 -21.30
C LYS B 139 -18.06 9.33 -20.87
N VAL B 140 -17.36 10.18 -21.66
CA VAL B 140 -16.04 10.70 -21.33
C VAL B 140 -16.11 11.46 -19.98
N ILE B 141 -17.14 12.31 -19.80
CA ILE B 141 -17.32 13.11 -18.56
C ILE B 141 -17.56 12.19 -17.37
N GLN B 142 -18.39 11.13 -17.54
CA GLN B 142 -18.68 10.21 -16.44
C GLN B 142 -17.41 9.45 -16.02
N LEU B 143 -16.67 8.91 -17.00
CA LEU B 143 -15.43 8.18 -16.75
C LEU B 143 -14.42 9.09 -16.05
N ASN B 144 -14.28 10.36 -16.50
CA ASN B 144 -13.34 11.32 -15.89
C ASN B 144 -13.71 11.64 -14.44
N LYS B 145 -15.02 11.67 -14.11
CA LYS B 145 -15.48 11.92 -12.74
CA LYS B 145 -15.49 11.92 -12.74
C LYS B 145 -14.98 10.79 -11.82
N TRP B 146 -15.08 9.54 -12.30
CA TRP B 146 -14.63 8.36 -11.56
C TRP B 146 -13.10 8.36 -11.41
N ILE B 147 -12.38 8.66 -12.50
CA ILE B 147 -10.91 8.72 -12.50
C ILE B 147 -10.43 9.78 -11.49
N LYS B 148 -10.99 11.01 -11.56
CA LYS B 148 -10.61 12.11 -10.67
CA LYS B 148 -10.63 12.12 -10.67
C LYS B 148 -10.88 11.76 -9.20
N GLU B 149 -12.06 11.17 -8.89
CA GLU B 149 -12.44 10.78 -7.54
C GLU B 149 -11.49 9.69 -7.00
N TYR B 150 -11.13 8.70 -7.84
CA TYR B 150 -10.18 7.65 -7.49
C TYR B 150 -8.78 8.25 -7.22
N ALA B 151 -8.30 9.14 -8.11
CA ALA B 151 -6.99 9.79 -7.98
C ALA B 151 -6.90 10.60 -6.68
N ASP B 152 -7.96 11.39 -6.37
CA ASP B 152 -8.01 12.20 -5.15
C ASP B 152 -7.98 11.32 -3.88
N LYS B 153 -8.80 10.25 -3.86
CA LYS B 153 -8.91 9.33 -2.73
C LYS B 153 -7.61 8.50 -2.51
N ASN B 154 -6.79 8.33 -3.57
CA ASN B 154 -5.58 7.50 -3.47
C ASN B 154 -4.26 8.29 -3.60
N GLY B 155 -4.33 9.61 -3.46
CA GLY B 155 -3.16 10.48 -3.51
C GLY B 155 -2.41 10.45 -4.83
N LEU B 156 -3.14 10.27 -5.92
CA LEU B 156 -2.57 10.24 -7.27
C LEU B 156 -2.81 11.57 -7.96
N THR B 157 -1.88 11.99 -8.83
CA THR B 157 -2.00 13.23 -9.59
C THR B 157 -3.01 13.04 -10.73
N TYR B 158 -3.91 14.02 -10.92
CA TYR B 158 -4.90 14.01 -12.01
C TYR B 158 -4.55 15.13 -13.00
N VAL B 159 -4.36 14.78 -14.28
CA VAL B 159 -4.02 15.72 -15.34
C VAL B 159 -5.32 16.07 -16.08
N ASP B 160 -5.82 17.31 -15.90
CA ASP B 160 -7.08 17.71 -16.48
C ASP B 160 -6.91 18.36 -17.87
N TYR B 161 -6.66 17.52 -18.87
CA TYR B 161 -6.63 17.97 -20.27
C TYR B 161 -8.01 18.44 -20.72
N HIS B 162 -9.04 17.68 -20.30
CA HIS B 162 -10.44 17.85 -20.71
C HIS B 162 -10.98 19.28 -20.48
N SER B 163 -10.85 19.84 -19.28
CA SER B 163 -11.35 21.20 -18.99
C SER B 163 -10.62 22.27 -19.82
N ALA B 164 -9.34 22.04 -20.12
CA ALA B 164 -8.51 22.97 -20.91
C ALA B 164 -8.81 22.92 -22.42
N LYS B 166 -12.02 21.31 -23.93
CA LYS B 166 -13.43 21.14 -24.33
C LYS B 166 -14.09 22.40 -24.91
N ASP B 167 -15.07 22.19 -25.81
CA ASP B 167 -15.91 23.25 -26.37
C ASP B 167 -17.29 23.16 -25.66
N GLU B 168 -18.30 23.94 -26.10
CA GLU B 168 -19.64 23.99 -25.50
C GLU B 168 -20.41 22.67 -25.56
N ARG B 169 -20.07 21.76 -26.48
CA ARG B 169 -20.79 20.48 -26.61
C ARG B 169 -19.95 19.31 -26.06
N ASN B 170 -18.89 19.63 -25.27
CA ASN B 170 -17.96 18.71 -24.61
C ASN B 170 -17.22 17.83 -25.63
N GLY B 171 -16.90 18.44 -26.76
CA GLY B 171 -16.09 17.83 -27.81
C GLY B 171 -14.82 18.63 -27.97
N LEU B 172 -14.04 18.31 -29.01
CA LEU B 172 -12.81 19.04 -29.31
C LEU B 172 -13.09 20.03 -30.44
N PRO B 173 -12.69 21.31 -30.32
CA PRO B 173 -12.90 22.23 -31.45
C PRO B 173 -11.94 21.91 -32.62
N ALA B 174 -12.34 22.31 -33.81
CA ALA B 174 -11.64 22.08 -35.09
C ALA B 174 -10.14 22.43 -35.06
N ASN B 175 -9.75 23.51 -34.36
CA ASN B 175 -8.33 23.92 -34.30
C ASN B 175 -7.49 22.95 -33.45
N LEU B 176 -8.14 22.24 -32.50
CA LEU B 176 -7.43 21.31 -31.62
C LEU B 176 -7.45 19.88 -32.12
N SER B 177 -8.27 19.55 -33.14
CA SER B 177 -8.35 18.20 -33.66
C SER B 177 -8.97 18.15 -35.05
N LYS B 178 -8.40 17.33 -35.94
CA LYS B 178 -8.95 17.17 -37.30
C LYS B 178 -10.19 16.27 -37.32
N ASP B 179 -10.18 15.20 -36.53
CA ASP B 179 -11.30 14.24 -36.50
C ASP B 179 -12.24 14.47 -35.28
N GLY B 180 -11.91 15.42 -34.41
CA GLY B 180 -12.68 15.69 -33.20
C GLY B 180 -12.35 14.77 -32.04
N VAL B 181 -11.33 13.91 -32.20
CA VAL B 181 -10.91 12.97 -31.16
C VAL B 181 -9.39 13.11 -30.91
N HIS B 182 -8.58 12.97 -31.96
CA HIS B 182 -7.12 12.99 -31.87
C HIS B 182 -6.60 14.42 -32.12
N PRO B 183 -5.69 14.90 -31.24
CA PRO B 183 -5.23 16.29 -31.35
C PRO B 183 -4.30 16.58 -32.51
N THR B 184 -4.26 17.86 -32.89
CA THR B 184 -3.32 18.45 -33.83
C THR B 184 -2.13 18.87 -32.96
N LEU B 185 -1.09 19.45 -33.57
CA LEU B 185 0.07 19.95 -32.84
C LEU B 185 -0.38 21.02 -31.81
N GLU B 186 -1.38 21.86 -32.18
CA GLU B 186 -1.96 22.88 -31.29
C GLU B 186 -2.52 22.25 -30.00
N GLY B 187 -3.24 21.15 -30.14
CA GLY B 187 -3.78 20.41 -29.01
C GLY B 187 -2.67 19.78 -28.18
N TYR B 188 -1.67 19.17 -28.85
CA TYR B 188 -0.53 18.55 -28.14
C TYR B 188 0.26 19.56 -27.32
N LYS B 189 0.37 20.81 -27.81
CA LYS B 189 1.09 21.88 -27.10
C LYS B 189 0.34 22.29 -25.81
N ILE B 190 -1.02 22.29 -25.84
CA ILE B 190 -1.84 22.55 -24.64
C ILE B 190 -1.57 21.43 -23.61
N GLU B 192 1.05 19.39 -23.49
CA GLU B 192 2.46 19.40 -23.07
C GLU B 192 2.66 20.27 -21.86
N LYS B 193 2.09 21.48 -21.87
CA LYS B 193 2.21 22.45 -20.78
C LYS B 193 1.62 21.89 -19.47
N ILE B 194 0.41 21.29 -19.54
CA ILE B 194 -0.31 20.73 -18.39
C ILE B 194 0.41 19.48 -17.82
N VAL B 195 0.80 18.53 -18.67
CA VAL B 195 1.44 17.29 -18.20
C VAL B 195 2.85 17.55 -17.66
N LEU B 196 3.61 18.52 -18.23
CA LEU B 196 4.95 18.82 -17.73
C LEU B 196 4.88 19.38 -16.31
N GLU B 197 3.87 20.24 -16.03
CA GLU B 197 3.66 20.84 -14.72
C GLU B 197 3.27 19.75 -13.71
N ALA B 198 2.42 18.79 -14.13
CA ALA B 198 1.98 17.69 -13.27
C ALA B 198 3.14 16.74 -12.93
N ILE B 199 3.98 16.39 -13.94
CA ILE B 199 5.13 15.50 -13.75
C ILE B 199 6.16 16.15 -12.80
N HIS B 200 6.51 17.44 -13.02
CA HIS B 200 7.51 18.14 -12.21
C HIS B 200 7.06 18.30 -10.74
N LYS B 201 5.74 18.37 -10.47
CA LYS B 201 5.21 18.45 -9.10
C LYS B 201 5.16 17.03 -8.44
N THR B 202 4.99 15.95 -9.24
CA THR B 202 4.90 14.55 -8.79
C THR B 202 6.25 13.82 -8.70
N VAL B 203 7.12 14.01 -9.71
CA VAL B 203 8.39 13.29 -9.84
C VAL B 203 9.55 14.21 -9.53
N LYS B 204 10.41 13.79 -8.59
CA LYS B 204 11.58 14.57 -8.20
C LYS B 204 12.85 13.76 -8.41
N GLY C 4 -18.51 -8.22 -29.96
CA GLY C 4 -19.24 -8.66 -28.77
C GLY C 4 -18.51 -8.34 -27.48
N ASP C 5 -18.87 -9.06 -26.40
CA ASP C 5 -18.32 -8.88 -25.06
C ASP C 5 -17.10 -9.80 -24.93
N TRP C 6 -15.91 -9.27 -25.31
CA TRP C 6 -14.63 -9.99 -25.35
C TRP C 6 -14.28 -10.67 -24.02
N ALA C 7 -14.33 -9.95 -22.89
CA ALA C 7 -13.95 -10.51 -21.58
C ALA C 7 -15.09 -11.31 -20.95
N GLN C 8 -16.27 -11.28 -21.58
CA GLN C 8 -17.48 -11.96 -21.13
C GLN C 8 -17.88 -11.52 -19.71
N PHE C 9 -17.93 -10.20 -19.49
CA PHE C 9 -18.39 -9.59 -18.23
C PHE C 9 -19.87 -9.91 -17.99
N GLY C 10 -20.61 -10.08 -19.08
CA GLY C 10 -22.05 -10.38 -19.09
C GLY C 10 -22.42 -11.76 -18.58
N ARG C 11 -21.46 -12.73 -18.59
CA ARG C 11 -21.73 -14.09 -18.14
C ARG C 11 -22.13 -14.14 -16.66
N TYR C 12 -21.41 -13.41 -15.78
CA TYR C 12 -21.70 -13.47 -14.34
C TYR C 12 -22.10 -12.14 -13.72
N ALA C 13 -22.23 -11.04 -14.51
CA ALA C 13 -22.59 -9.71 -14.01
C ALA C 13 -23.84 -9.74 -13.09
N GLU C 14 -24.91 -10.44 -13.54
CA GLU C 14 -26.16 -10.58 -12.81
C GLU C 14 -26.00 -11.51 -11.61
N ALA C 15 -25.34 -12.67 -11.79
CA ALA C 15 -25.09 -13.65 -10.73
C ALA C 15 -24.33 -13.03 -9.54
N ASN C 16 -23.37 -12.14 -9.83
CA ASN C 16 -22.54 -11.45 -8.82
C ASN C 16 -23.38 -10.59 -7.85
N LYS C 17 -24.51 -10.03 -8.33
CA LYS C 17 -25.41 -9.17 -7.55
C LYS C 17 -26.11 -9.89 -6.38
N THR C 18 -26.17 -11.23 -6.39
CA THR C 18 -26.83 -11.99 -5.30
C THR C 18 -25.83 -12.88 -4.52
N VAL C 19 -24.54 -12.79 -4.85
CA VAL C 19 -23.48 -13.48 -4.10
C VAL C 19 -23.32 -12.75 -2.76
N LYS C 20 -23.26 -13.49 -1.65
CA LYS C 20 -23.04 -12.86 -0.34
C LYS C 20 -21.58 -12.37 -0.29
N VAL C 21 -21.39 -11.07 -0.03
CA VAL C 21 -20.07 -10.44 0.01
C VAL C 21 -19.82 -9.88 1.44
N PRO C 22 -18.69 -10.18 2.11
CA PRO C 22 -17.53 -10.97 1.64
C PRO C 22 -17.88 -12.46 1.46
N SER C 23 -17.27 -13.06 0.43
CA SER C 23 -17.49 -14.47 0.07
C SER C 23 -16.37 -15.34 0.63
N ASN C 24 -16.46 -16.65 0.40
CA ASN C 24 -15.50 -17.62 0.92
C ASN C 24 -14.34 -17.84 -0.07
N VAL C 25 -14.55 -18.70 -1.08
CA VAL C 25 -13.55 -19.03 -2.08
C VAL C 25 -14.17 -18.91 -3.47
N VAL C 26 -13.48 -18.18 -4.37
CA VAL C 26 -13.89 -18.03 -5.76
C VAL C 26 -12.96 -18.90 -6.61
N PHE C 27 -13.54 -19.70 -7.53
CA PHE C 27 -12.79 -20.51 -8.50
C PHE C 27 -12.76 -19.75 -9.81
N GLY C 29 -11.30 -19.45 -13.62
CA GLY C 29 -10.78 -20.33 -14.64
C GLY C 29 -11.44 -20.30 -16.00
N ASN C 30 -11.06 -21.27 -16.81
CA ASN C 30 -11.47 -21.49 -18.18
C ASN C 30 -12.51 -22.62 -18.28
N SER C 31 -12.48 -23.40 -19.39
CA SER C 31 -13.38 -24.51 -19.67
C SER C 31 -13.29 -25.63 -18.64
N ILE C 32 -12.10 -25.84 -18.04
CA ILE C 32 -11.93 -26.90 -17.03
C ILE C 32 -12.72 -26.50 -15.76
N THR C 33 -12.67 -25.23 -15.36
CA THR C 33 -13.45 -24.76 -14.20
C THR C 33 -14.93 -24.72 -14.61
N ASP C 34 -15.22 -24.21 -15.84
CA ASP C 34 -16.61 -24.10 -16.36
C ASP C 34 -17.27 -25.48 -16.53
N GLY C 35 -16.49 -26.52 -16.77
CA GLY C 35 -17.04 -27.88 -16.92
C GLY C 35 -17.22 -28.62 -15.60
N TRP C 36 -16.75 -28.00 -14.49
CA TRP C 36 -16.86 -28.62 -13.18
C TRP C 36 -18.34 -28.78 -12.75
N TRP C 37 -19.20 -27.74 -12.93
CA TRP C 37 -20.63 -27.79 -12.59
C TRP C 37 -21.38 -28.88 -13.39
N PRO C 38 -21.34 -28.99 -14.75
CA PRO C 38 -22.09 -30.10 -15.40
C PRO C 38 -21.65 -31.48 -14.93
N ALA C 39 -20.37 -31.65 -14.53
CA ALA C 39 -19.87 -32.95 -14.05
C ALA C 39 -20.29 -33.24 -12.62
N ASP C 40 -20.28 -32.21 -11.74
CA ASP C 40 -20.63 -32.34 -10.32
C ASP C 40 -21.37 -31.06 -9.88
N SER C 41 -22.68 -30.99 -10.18
CA SER C 41 -23.55 -29.83 -9.98
C SER C 41 -23.57 -29.26 -8.56
N THR C 42 -23.22 -30.05 -7.53
CA THR C 42 -23.26 -29.57 -6.15
C THR C 42 -21.88 -29.33 -5.51
N PHE C 43 -20.76 -29.54 -6.23
CA PHE C 43 -19.41 -29.36 -5.66
C PHE C 43 -19.20 -27.95 -5.08
N PHE C 44 -19.61 -26.89 -5.81
CA PHE C 44 -19.42 -25.53 -5.34
C PHE C 44 -20.40 -25.17 -4.21
N ILE C 45 -21.69 -25.50 -4.38
CA ILE C 45 -22.72 -25.22 -3.37
C ILE C 45 -22.46 -25.92 -2.02
N ARG C 46 -22.11 -27.22 -2.02
CA ARG C 46 -21.91 -27.96 -0.77
C ARG C 46 -20.68 -27.48 0.03
N ASN C 47 -19.74 -26.80 -0.63
CA ASN C 47 -18.54 -26.28 0.02
C ASN C 47 -18.55 -24.75 0.18
N ASN C 48 -19.63 -24.09 -0.27
CA ASN C 48 -19.78 -22.63 -0.27
C ASN C 48 -18.64 -22.00 -1.11
N PHE C 49 -18.46 -22.52 -2.33
CA PHE C 49 -17.48 -21.99 -3.29
C PHE C 49 -18.22 -21.26 -4.41
N VAL C 50 -17.60 -20.22 -4.98
CA VAL C 50 -18.21 -19.44 -6.06
C VAL C 50 -17.51 -19.85 -7.36
N ASP C 51 -18.28 -20.40 -8.31
CA ASP C 51 -17.78 -20.85 -9.61
C ASP C 51 -17.79 -19.69 -10.61
N ARG C 52 -16.59 -19.28 -11.05
CA ARG C 52 -16.47 -18.19 -12.02
C ARG C 52 -15.62 -18.61 -13.25
N GLY C 53 -15.70 -19.88 -13.63
CA GLY C 53 -15.02 -20.40 -14.81
C GLY C 53 -15.77 -20.05 -16.08
N ILE C 54 -15.05 -19.68 -17.15
CA ILE C 54 -15.71 -19.37 -18.44
C ILE C 54 -14.98 -20.09 -19.57
N SER C 55 -15.70 -20.98 -20.28
CA SER C 55 -15.17 -21.76 -21.39
CA SER C 55 -15.17 -21.77 -21.39
C SER C 55 -14.40 -20.91 -22.40
N GLY C 56 -13.27 -21.44 -22.86
CA GLY C 56 -12.41 -20.84 -23.88
C GLY C 56 -11.57 -19.63 -23.51
N GLN C 57 -11.67 -19.15 -22.27
CA GLN C 57 -10.93 -17.94 -21.86
C GLN C 57 -9.45 -18.19 -21.66
N THR C 58 -8.66 -17.19 -22.01
CA THR C 58 -7.21 -17.20 -21.80
C THR C 58 -6.92 -16.34 -20.57
N THR C 59 -5.65 -16.26 -20.14
CA THR C 59 -5.25 -15.46 -18.99
C THR C 59 -5.52 -13.96 -19.24
N SER C 60 -5.56 -13.51 -20.52
CA SER C 60 -5.84 -12.10 -20.87
C SER C 60 -7.26 -11.70 -20.48
N GLU C 61 -8.30 -12.47 -20.90
CA GLU C 61 -9.70 -12.17 -20.52
C GLU C 61 -9.88 -12.26 -19.01
N LEU C 63 -7.54 -11.78 -16.60
CA LEU C 63 -6.96 -10.62 -15.93
C LEU C 63 -7.94 -9.42 -15.99
N VAL C 64 -8.61 -9.23 -17.12
CA VAL C 64 -9.56 -8.13 -17.32
C VAL C 64 -10.86 -8.37 -16.47
N ARG C 65 -11.34 -9.61 -16.44
CA ARG C 65 -12.57 -9.99 -15.74
C ARG C 65 -12.32 -10.17 -14.20
N PHE C 66 -11.04 -10.25 -13.78
CA PHE C 66 -10.61 -10.48 -12.40
C PHE C 66 -11.24 -9.51 -11.39
N ARG C 67 -11.33 -8.22 -11.72
CA ARG C 67 -11.88 -7.21 -10.82
C ARG C 67 -13.37 -7.50 -10.52
N GLN C 68 -14.16 -7.82 -11.55
CA GLN C 68 -15.59 -8.10 -11.38
C GLN C 68 -15.83 -9.42 -10.67
N ASP C 69 -15.31 -10.51 -11.21
CA ASP C 69 -15.60 -11.85 -10.74
C ASP C 69 -14.73 -12.35 -9.59
N VAL C 70 -13.74 -11.56 -9.12
CA VAL C 70 -12.93 -11.97 -7.97
C VAL C 70 -12.85 -10.84 -6.95
N ILE C 71 -12.15 -9.72 -7.27
CA ILE C 71 -11.93 -8.60 -6.35
C ILE C 71 -13.25 -8.07 -5.77
N ASN C 72 -14.24 -7.78 -6.62
CA ASN C 72 -15.51 -7.21 -6.16
C ASN C 72 -16.35 -8.19 -5.31
N LEU C 73 -16.03 -9.50 -5.32
CA LEU C 73 -16.74 -10.48 -4.50
C LEU C 73 -16.09 -10.61 -3.10
N LYS C 74 -14.95 -9.92 -2.88
CA LYS C 74 -14.18 -9.89 -1.63
C LYS C 74 -14.02 -11.30 -0.99
N PRO C 75 -13.49 -12.32 -1.71
CA PRO C 75 -13.35 -13.64 -1.09
C PRO C 75 -12.14 -13.71 -0.18
N LYS C 76 -12.10 -14.76 0.66
CA LYS C 76 -10.94 -15.04 1.51
C LYS C 76 -9.78 -15.50 0.61
N ALA C 77 -10.12 -16.27 -0.43
CA ALA C 77 -9.16 -16.81 -1.37
C ALA C 77 -9.71 -16.97 -2.77
N VAL C 78 -8.79 -17.07 -3.74
CA VAL C 78 -9.13 -17.30 -5.15
C VAL C 78 -8.32 -18.50 -5.62
N VAL C 79 -8.98 -19.45 -6.27
CA VAL C 79 -8.36 -20.64 -6.84
C VAL C 79 -8.22 -20.37 -8.33
N ILE C 80 -6.97 -20.26 -8.84
CA ILE C 80 -6.75 -19.92 -10.24
C ILE C 80 -6.23 -21.11 -11.01
N LEU C 81 -6.94 -21.49 -12.07
CA LEU C 81 -6.53 -22.54 -13.00
C LEU C 81 -6.67 -21.94 -14.38
N ALA C 82 -5.55 -21.53 -14.98
CA ALA C 82 -5.56 -20.84 -16.27
C ALA C 82 -4.25 -21.00 -17.05
N GLY C 83 -4.34 -20.85 -18.38
CA GLY C 83 -3.18 -20.90 -19.25
C GLY C 83 -3.25 -21.85 -20.42
N ILE C 84 -4.07 -22.93 -20.32
CA ILE C 84 -4.16 -23.91 -21.41
C ILE C 84 -4.74 -23.28 -22.71
N ASN C 85 -5.70 -22.35 -22.59
CA ASN C 85 -6.27 -21.75 -23.80
C ASN C 85 -5.31 -20.73 -24.41
N ASP C 86 -4.37 -20.19 -23.61
CA ASP C 86 -3.29 -19.33 -24.13
C ASP C 86 -2.33 -20.18 -24.96
N ILE C 87 -2.05 -21.42 -24.50
CA ILE C 87 -1.17 -22.38 -25.19
C ILE C 87 -1.85 -22.80 -26.51
N ALA C 88 -3.21 -22.87 -26.52
CA ALA C 88 -3.98 -23.20 -27.73
C ALA C 88 -4.18 -21.97 -28.63
N HIS C 89 -3.72 -20.77 -28.19
CA HIS C 89 -3.82 -19.49 -28.91
C HIS C 89 -5.30 -19.11 -29.17
N ASN C 90 -6.19 -19.34 -28.16
CA ASN C 90 -7.60 -18.97 -28.29
C ASN C 90 -7.81 -17.47 -28.50
N ASN C 91 -6.93 -16.64 -27.91
CA ASN C 91 -6.99 -15.18 -28.08
C ASN C 91 -5.84 -14.71 -28.98
N GLY C 92 -5.40 -15.61 -29.86
CA GLY C 92 -4.31 -15.35 -30.79
C GLY C 92 -2.96 -15.73 -30.21
N VAL C 93 -1.89 -15.46 -30.97
CA VAL C 93 -0.52 -15.81 -30.58
C VAL C 93 -0.11 -15.03 -29.33
N ILE C 94 0.50 -15.72 -28.35
CA ILE C 94 0.99 -15.11 -27.12
C ILE C 94 2.22 -15.88 -26.63
N ALA C 95 3.31 -15.19 -26.27
CA ALA C 95 4.53 -15.83 -25.75
C ALA C 95 4.23 -16.39 -24.36
N LEU C 96 4.80 -17.57 -24.05
CA LEU C 96 4.55 -18.25 -22.78
C LEU C 96 4.91 -17.38 -21.57
N GLU C 97 5.96 -16.55 -21.68
CA GLU C 97 6.36 -15.64 -20.57
C GLU C 97 5.28 -14.57 -20.31
N ASN C 98 4.51 -14.16 -21.34
CA ASN C 98 3.43 -13.18 -21.22
C ASN C 98 2.17 -13.82 -20.61
N VAL C 99 2.00 -15.14 -20.82
CA VAL C 99 0.92 -15.93 -20.21
C VAL C 99 1.20 -15.93 -18.70
N PHE C 100 2.47 -16.22 -18.33
CA PHE C 100 2.92 -16.21 -16.93
C PHE C 100 2.76 -14.81 -16.32
N GLY C 101 3.08 -13.77 -17.11
CA GLY C 101 2.96 -12.36 -16.69
C GLY C 101 1.54 -11.99 -16.28
N ASN C 102 0.53 -12.47 -17.03
CA ASN C 102 -0.89 -12.28 -16.74
C ASN C 102 -1.26 -12.93 -15.41
N LEU C 103 -0.69 -14.13 -15.14
CA LEU C 103 -0.95 -14.85 -13.88
C LEU C 103 -0.31 -14.08 -12.70
N VAL C 104 0.89 -13.50 -12.91
CA VAL C 104 1.58 -12.69 -11.89
C VAL C 104 0.74 -11.43 -11.59
N SER C 105 0.17 -10.79 -12.64
CA SER C 105 -0.67 -9.60 -12.45
C SER C 105 -1.93 -9.95 -11.67
N ALA C 107 -2.18 -12.42 -9.41
CA ALA C 107 -1.67 -12.65 -8.04
C ALA C 107 -1.42 -11.34 -7.31
N GLU C 108 -0.82 -10.34 -8.01
CA GLU C 108 -0.52 -9.02 -7.44
C GLU C 108 -1.81 -8.23 -7.15
N LEU C 109 -2.83 -8.33 -8.02
CA LEU C 109 -4.13 -7.67 -7.78
C LEU C 109 -4.85 -8.28 -6.58
N ALA C 110 -4.79 -9.62 -6.46
CA ALA C 110 -5.39 -10.33 -5.32
C ALA C 110 -4.70 -9.96 -4.01
N LYS C 111 -3.34 -9.93 -4.00
CA LYS C 111 -2.55 -9.58 -2.80
C LYS C 111 -2.85 -8.14 -2.35
N ALA C 112 -2.93 -7.19 -3.30
CA ALA C 112 -3.24 -5.78 -3.02
C ALA C 112 -4.63 -5.61 -2.38
N ASN C 113 -5.52 -6.57 -2.63
CA ASN C 113 -6.90 -6.55 -2.12
C ASN C 113 -7.10 -7.56 -0.99
N HIS C 114 -6.00 -8.09 -0.45
CA HIS C 114 -5.91 -9.01 0.70
C HIS C 114 -6.69 -10.32 0.45
N ILE C 115 -6.57 -10.83 -0.77
CA ILE C 115 -7.16 -12.11 -1.18
C ILE C 115 -6.01 -13.10 -1.31
N LYS C 116 -6.13 -14.27 -0.67
CA LYS C 116 -5.11 -15.32 -0.73
C LYS C 116 -5.19 -16.03 -2.07
N VAL C 117 -4.05 -16.18 -2.77
CA VAL C 117 -4.03 -16.83 -4.08
C VAL C 117 -3.63 -18.29 -3.92
N ILE C 118 -4.44 -19.16 -4.52
CA ILE C 118 -4.19 -20.58 -4.63
C ILE C 118 -3.99 -20.86 -6.11
N PHE C 119 -2.75 -21.08 -6.52
CA PHE C 119 -2.43 -21.36 -7.93
C PHE C 119 -2.53 -22.85 -8.20
N CYS C 120 -3.10 -23.20 -9.37
CA CYS C 120 -3.23 -24.58 -9.81
C CYS C 120 -2.34 -24.82 -10.99
N SER C 121 -1.71 -25.99 -11.01
CA SER C 121 -0.95 -26.46 -12.14
C SER C 121 -1.86 -26.56 -13.35
N VAL C 122 -1.42 -26.09 -14.52
CA VAL C 122 -2.17 -26.28 -15.76
C VAL C 122 -2.26 -27.79 -15.96
N LEU C 123 -3.44 -28.32 -16.34
CA LEU C 123 -3.62 -29.76 -16.50
C LEU C 123 -2.78 -30.31 -17.65
N PRO C 124 -2.38 -31.60 -17.57
CA PRO C 124 -1.66 -32.20 -18.72
C PRO C 124 -2.51 -32.18 -19.98
N ALA C 125 -1.86 -31.98 -21.12
CA ALA C 125 -2.49 -32.00 -22.46
C ALA C 125 -1.45 -32.38 -23.48
N TYR C 126 -1.70 -33.46 -24.21
CA TYR C 126 -0.78 -33.95 -25.24
C TYR C 126 -1.05 -33.31 -26.61
N ASP C 127 -2.32 -33.00 -26.89
CA ASP C 127 -2.73 -32.42 -28.16
C ASP C 127 -4.13 -31.82 -28.06
N PHE C 128 -4.38 -30.79 -28.89
CA PHE C 128 -5.69 -30.15 -28.99
C PHE C 128 -6.33 -30.69 -30.28
N PRO C 129 -7.33 -31.60 -30.20
CA PRO C 129 -7.89 -32.16 -31.45
C PRO C 129 -8.45 -31.08 -32.40
N TRP C 130 -8.93 -29.96 -31.86
CA TRP C 130 -9.48 -28.87 -32.65
C TRP C 130 -8.39 -27.86 -33.11
N ARG C 131 -7.15 -27.97 -32.56
CA ARG C 131 -5.99 -27.14 -32.93
CA ARG C 131 -5.98 -27.14 -32.94
C ARG C 131 -4.77 -28.08 -33.03
N PRO C 132 -4.73 -29.00 -34.04
CA PRO C 132 -3.63 -29.97 -34.12
C PRO C 132 -2.23 -29.38 -34.35
N GLY C 133 -1.22 -30.15 -33.94
CA GLY C 133 0.19 -29.83 -34.05
C GLY C 133 0.69 -28.67 -33.21
N GLN C 135 1.69 -29.04 -30.04
CA GLN C 135 2.63 -29.65 -29.09
C GLN C 135 2.48 -29.05 -27.69
N PRO C 136 1.32 -29.11 -27.01
CA PRO C 136 1.19 -28.42 -25.72
C PRO C 136 1.90 -29.03 -24.52
N ALA C 137 2.19 -30.36 -24.50
CA ALA C 137 2.72 -31.09 -23.34
C ALA C 137 3.87 -30.39 -22.61
N ASP C 138 4.96 -30.04 -23.34
CA ASP C 138 6.14 -29.42 -22.73
C ASP C 138 5.93 -27.96 -22.38
N LYS C 139 4.98 -27.28 -23.06
CA LYS C 139 4.62 -25.88 -22.81
C LYS C 139 3.90 -25.80 -21.47
N VAL C 140 2.99 -26.76 -21.22
CA VAL C 140 2.27 -26.88 -19.94
C VAL C 140 3.30 -27.09 -18.81
N ILE C 141 4.28 -28.00 -19.02
CA ILE C 141 5.36 -28.31 -18.07
CA ILE C 141 5.30 -28.29 -18.01
C ILE C 141 6.16 -27.03 -17.74
N GLN C 142 6.56 -26.28 -18.78
CA GLN C 142 7.36 -25.05 -18.61
C GLN C 142 6.59 -23.99 -17.82
N LEU C 143 5.32 -23.74 -18.21
CA LEU C 143 4.49 -22.77 -17.54
C LEU C 143 4.29 -23.15 -16.07
N ASN C 144 4.07 -24.46 -15.78
CA ASN C 144 3.86 -24.95 -14.41
C ASN C 144 5.10 -24.76 -13.56
N LYS C 145 6.31 -24.90 -14.17
CA LYS C 145 7.58 -24.69 -13.47
C LYS C 145 7.66 -23.25 -12.96
N TRP C 146 7.26 -22.28 -13.80
CA TRP C 146 7.24 -20.86 -13.49
C TRP C 146 6.20 -20.53 -12.43
N ILE C 147 4.98 -21.10 -12.57
CA ILE C 147 3.89 -20.90 -11.59
C ILE C 147 4.34 -21.42 -10.21
N LYS C 148 4.86 -22.66 -10.16
CA LYS C 148 5.31 -23.29 -8.90
C LYS C 148 6.43 -22.47 -8.23
N GLU C 149 7.43 -22.02 -9.00
CA GLU C 149 8.55 -21.23 -8.49
C GLU C 149 8.03 -19.90 -7.93
N TYR C 150 7.10 -19.25 -8.64
CA TYR C 150 6.49 -17.99 -8.19
C TYR C 150 5.68 -18.21 -6.88
N ALA C 151 4.87 -19.27 -6.82
CA ALA C 151 4.05 -19.60 -5.65
C ALA C 151 4.94 -19.86 -4.43
N ASP C 152 6.03 -20.66 -4.59
CA ASP C 152 6.96 -20.98 -3.51
C ASP C 152 7.67 -19.71 -2.98
N LYS C 153 8.15 -18.86 -3.89
CA LYS C 153 8.87 -17.62 -3.58
C LYS C 153 7.96 -16.58 -2.92
N ASN C 154 6.63 -16.63 -3.16
CA ASN C 154 5.71 -15.63 -2.61
C ASN C 154 4.76 -16.16 -1.54
N GLY C 155 5.05 -17.35 -1.00
CA GLY C 155 4.26 -17.98 0.06
C GLY C 155 2.83 -18.29 -0.33
N LEU C 156 2.61 -18.64 -1.60
CA LEU C 156 1.29 -18.99 -2.13
C LEU C 156 1.18 -20.50 -2.24
N THR C 157 -0.03 -21.03 -2.03
CA THR C 157 -0.30 -22.46 -2.14
C THR C 157 -0.27 -22.88 -3.62
N TYR C 158 0.42 -23.99 -3.95
CA TYR C 158 0.44 -24.55 -5.31
C TYR C 158 -0.30 -25.88 -5.30
N VAL C 159 -1.32 -26.01 -6.16
CA VAL C 159 -2.16 -27.20 -6.28
C VAL C 159 -1.64 -27.98 -7.48
N ASP C 160 -1.00 -29.13 -7.21
CA ASP C 160 -0.39 -29.90 -8.28
C ASP C 160 -1.34 -30.96 -8.82
N TYR C 161 -2.28 -30.52 -9.66
CA TYR C 161 -3.18 -31.44 -10.36
C TYR C 161 -2.40 -32.26 -11.36
N HIS C 162 -1.45 -31.62 -12.06
CA HIS C 162 -0.64 -32.18 -13.16
C HIS C 162 0.08 -33.48 -12.78
N SER C 163 0.84 -33.51 -11.67
CA SER C 163 1.55 -34.74 -11.27
C SER C 163 0.60 -35.88 -10.90
N ALA C 164 -0.58 -35.53 -10.36
CA ALA C 164 -1.59 -36.51 -9.95
C ALA C 164 -2.37 -37.09 -11.13
N LYS C 166 -1.17 -36.84 -14.84
CA LYS C 166 -0.42 -37.08 -16.08
C LYS C 166 -0.14 -38.56 -16.37
N ASP C 167 -0.08 -38.90 -17.67
CA ASP C 167 0.31 -40.23 -18.15
C ASP C 167 1.77 -40.16 -18.61
N GLU C 168 2.30 -41.23 -19.24
CA GLU C 168 3.68 -41.34 -19.70
C GLU C 168 4.08 -40.29 -20.76
N ARG C 169 3.12 -39.71 -21.49
CA ARG C 169 3.43 -38.73 -22.54
C ARG C 169 3.04 -37.30 -22.11
N ASN C 170 2.84 -37.10 -20.80
CA ASN C 170 2.48 -35.82 -20.15
C ASN C 170 1.14 -35.26 -20.67
N GLY C 171 0.22 -36.17 -20.95
CA GLY C 171 -1.14 -35.85 -21.38
C GLY C 171 -2.10 -36.42 -20.36
N LEU C 172 -3.39 -36.38 -20.66
CA LEU C 172 -4.42 -36.96 -19.79
C LEU C 172 -4.84 -38.34 -20.31
N PRO C 173 -4.89 -39.38 -19.46
CA PRO C 173 -5.34 -40.70 -19.95
C PRO C 173 -6.84 -40.72 -20.20
N ALA C 174 -7.29 -41.69 -21.03
CA ALA C 174 -8.67 -41.89 -21.45
C ALA C 174 -9.69 -41.91 -20.28
N ASN C 175 -9.35 -42.51 -19.13
CA ASN C 175 -10.26 -42.57 -18.00
C ASN C 175 -10.45 -41.20 -17.32
N LEU C 176 -9.46 -40.30 -17.46
CA LEU C 176 -9.53 -38.98 -16.83
C LEU C 176 -10.01 -37.88 -17.80
N SER C 177 -10.02 -38.16 -19.12
CA SER C 177 -10.49 -37.19 -20.10
C SER C 177 -10.92 -37.90 -21.38
N LYS C 178 -12.06 -37.50 -21.96
CA LYS C 178 -12.49 -38.12 -23.22
C LYS C 178 -11.70 -37.59 -24.41
N ASP C 179 -11.43 -36.28 -24.44
CA ASP C 179 -10.78 -35.64 -25.57
C ASP C 179 -9.28 -35.33 -25.36
N GLY C 180 -8.78 -35.63 -24.16
CA GLY C 180 -7.38 -35.36 -23.79
C GLY C 180 -7.15 -33.98 -23.18
N VAL C 181 -8.22 -33.17 -23.03
CA VAL C 181 -8.13 -31.82 -22.48
C VAL C 181 -9.08 -31.63 -21.28
N HIS C 182 -10.37 -31.91 -21.49
CA HIS C 182 -11.39 -31.65 -20.49
C HIS C 182 -11.55 -32.87 -19.60
N PRO C 183 -11.44 -32.73 -18.27
CA PRO C 183 -11.62 -33.94 -17.43
C PRO C 183 -13.02 -34.52 -17.44
N THR C 184 -13.07 -35.83 -17.19
CA THR C 184 -14.28 -36.61 -16.92
C THR C 184 -14.60 -36.39 -15.43
N LEU C 185 -15.71 -36.95 -14.93
CA LEU C 185 -16.04 -36.88 -13.51
C LEU C 185 -14.90 -37.53 -12.67
N GLU C 186 -14.30 -38.63 -13.18
CA GLU C 186 -13.17 -39.30 -12.51
C GLU C 186 -11.99 -38.30 -12.35
N GLY C 187 -11.73 -37.50 -13.39
CA GLY C 187 -10.69 -36.47 -13.37
C GLY C 187 -10.99 -35.38 -12.34
N TYR C 188 -12.26 -34.94 -12.31
CA TYR C 188 -12.71 -33.92 -11.37
C TYR C 188 -12.67 -34.38 -9.91
N LYS C 189 -12.87 -35.68 -9.65
CA LYS C 189 -12.82 -36.22 -8.29
C LYS C 189 -11.38 -36.22 -7.77
N ILE C 190 -10.39 -36.47 -8.66
CA ILE C 190 -8.96 -36.39 -8.28
C ILE C 190 -8.65 -34.93 -7.86
N GLU C 192 -10.85 -32.55 -6.95
CA GLU C 192 -11.64 -32.17 -5.77
C GLU C 192 -10.90 -32.51 -4.48
N LYS C 193 -10.31 -33.72 -4.38
CA LYS C 193 -9.58 -34.17 -3.19
C LYS C 193 -8.37 -33.26 -2.90
N ILE C 194 -7.59 -32.94 -3.93
CA ILE C 194 -6.37 -32.12 -3.84
C ILE C 194 -6.72 -30.66 -3.49
N VAL C 195 -7.68 -30.04 -4.19
CA VAL C 195 -8.02 -28.64 -3.98
C VAL C 195 -8.73 -28.44 -2.61
N LEU C 196 -9.54 -29.41 -2.13
CA LEU C 196 -10.20 -29.27 -0.84
C LEU C 196 -9.18 -29.21 0.29
N GLU C 197 -8.14 -30.05 0.19
CA GLU C 197 -7.06 -30.12 1.18
C GLU C 197 -6.25 -28.84 1.16
N ALA C 198 -5.96 -28.31 -0.05
CA ALA C 198 -5.20 -27.05 -0.23
C ALA C 198 -5.96 -25.84 0.32
N ILE C 199 -7.29 -25.77 0.08
CA ILE C 199 -8.14 -24.68 0.58
C ILE C 199 -8.18 -24.69 2.11
N HIS C 200 -8.42 -25.85 2.74
CA HIS C 200 -8.49 -25.92 4.20
C HIS C 200 -7.17 -25.47 4.82
N LYS C 201 -6.03 -25.88 4.26
CA LYS C 201 -4.72 -25.53 4.82
C LYS C 201 -4.39 -24.02 4.61
N THR C 202 -4.97 -23.39 3.58
CA THR C 202 -4.79 -21.97 3.24
C THR C 202 -5.81 -21.03 3.92
N VAL C 203 -7.09 -21.42 3.93
CA VAL C 203 -8.23 -20.63 4.45
C VAL C 203 -8.68 -21.18 5.80
N LYS D 3 3.29 8.75 35.13
CA LYS D 3 2.13 8.19 35.81
C LYS D 3 0.84 8.56 35.07
N GLY D 4 0.83 9.75 34.46
CA GLY D 4 -0.30 10.28 33.71
C GLY D 4 -0.35 9.89 32.25
N ASP D 5 -1.09 10.67 31.46
CA ASP D 5 -1.30 10.47 30.04
C ASP D 5 -0.16 11.18 29.27
N TRP D 6 0.96 10.46 29.07
CA TRP D 6 2.20 10.95 28.43
C TRP D 6 1.96 11.63 27.07
N ALA D 7 1.23 10.96 26.14
CA ALA D 7 0.99 11.50 24.80
C ALA D 7 -0.16 12.51 24.79
N GLN D 8 -0.87 12.65 25.92
CA GLN D 8 -2.02 13.53 26.09
C GLN D 8 -3.13 13.22 25.05
N PHE D 9 -3.51 11.92 24.97
CA PHE D 9 -4.60 11.46 24.10
C PHE D 9 -5.93 12.02 24.58
N GLY D 10 -6.02 12.25 25.88
CA GLY D 10 -7.21 12.79 26.55
C GLY D 10 -7.54 14.23 26.20
N ARG D 11 -6.54 15.01 25.71
CA ARG D 11 -6.77 16.42 25.38
C ARG D 11 -7.82 16.58 24.27
N TYR D 12 -7.71 15.80 23.17
CA TYR D 12 -8.65 15.95 22.05
C TYR D 12 -9.49 14.71 21.73
N ALA D 13 -9.40 13.64 22.55
CA ALA D 13 -10.14 12.39 22.31
C ALA D 13 -11.64 12.63 22.05
N GLU D 14 -12.27 13.43 22.93
CA GLU D 14 -13.71 13.73 22.83
C GLU D 14 -13.99 14.69 21.68
N ALA D 15 -13.17 15.74 21.51
CA ALA D 15 -13.30 16.75 20.45
C ALA D 15 -13.30 16.09 19.05
N ASN D 16 -12.45 15.07 18.87
CA ASN D 16 -12.31 14.32 17.62
C ASN D 16 -13.60 13.63 17.17
N LYS D 17 -14.42 13.18 18.13
CA LYS D 17 -15.65 12.46 17.88
C LYS D 17 -16.76 13.29 17.20
N THR D 18 -16.66 14.64 17.23
CA THR D 18 -17.69 15.48 16.61
C THR D 18 -17.12 16.29 15.43
N VAL D 19 -15.83 16.05 15.07
CA VAL D 19 -15.22 16.70 13.91
C VAL D 19 -15.84 16.04 12.68
N LYS D 20 -16.28 16.85 11.69
CA LYS D 20 -16.86 16.30 10.46
C LYS D 20 -15.73 15.65 9.67
N VAL D 21 -15.91 14.36 9.34
CA VAL D 21 -14.90 13.54 8.65
C VAL D 21 -15.46 13.07 7.28
N PRO D 22 -14.72 13.24 6.15
CA PRO D 22 -13.36 13.80 6.04
C PRO D 22 -13.31 15.30 6.36
N SER D 23 -12.21 15.74 6.97
CA SER D 23 -12.00 17.13 7.37
C SER D 23 -11.16 17.86 6.32
N ASN D 24 -10.88 19.15 6.56
CA ASN D 24 -10.14 19.98 5.63
C ASN D 24 -8.63 19.94 5.94
N VAL D 25 -8.17 20.77 6.90
CA VAL D 25 -6.77 20.87 7.27
C VAL D 25 -6.64 20.76 8.79
N VAL D 26 -5.72 19.90 9.26
CA VAL D 26 -5.41 19.70 10.67
C VAL D 26 -4.07 20.39 10.93
N PHE D 27 -3.98 21.18 12.01
CA PHE D 27 -2.74 21.83 12.44
C PHE D 27 -2.20 21.02 13.61
N GLY D 29 0.84 20.36 16.23
CA GLY D 29 1.93 21.11 16.83
C GLY D 29 2.03 21.11 18.32
N ASN D 30 2.90 21.99 18.81
CA ASN D 30 3.27 22.19 20.20
C ASN D 30 2.60 23.46 20.77
N SER D 31 3.32 24.18 21.67
CA SER D 31 2.85 25.40 22.33
CA SER D 31 2.85 25.40 22.34
C SER D 31 2.60 26.55 21.34
N ILE D 32 3.37 26.60 20.23
CA ILE D 32 3.19 27.65 19.23
C ILE D 32 1.83 27.47 18.53
N THR D 33 1.46 26.21 18.19
CA THR D 33 0.14 25.93 17.60
C THR D 33 -0.93 26.09 18.70
N ASP D 34 -0.66 25.57 19.92
CA ASP D 34 -1.60 25.66 21.05
C ASP D 34 -1.83 27.11 21.48
N GLY D 35 -0.86 27.96 21.20
CA GLY D 35 -0.91 29.39 21.52
C GLY D 35 -1.60 30.23 20.47
N TRP D 36 -1.91 29.65 19.28
CA TRP D 36 -2.57 30.40 18.20
C TRP D 36 -4.00 30.83 18.62
N TRP D 37 -4.83 29.89 19.17
CA TRP D 37 -6.22 30.18 19.57
C TRP D 37 -6.29 31.34 20.60
N PRO D 38 -5.56 31.38 21.75
CA PRO D 38 -5.69 32.55 22.65
C PRO D 38 -5.32 33.88 21.98
N ALA D 39 -4.40 33.86 21.00
CA ALA D 39 -3.99 35.08 20.29
C ALA D 39 -5.01 35.51 19.24
N ASP D 40 -5.62 34.54 18.54
CA ASP D 40 -6.58 34.78 17.46
C ASP D 40 -7.62 33.65 17.48
N SER D 41 -8.63 33.79 18.37
CA SER D 41 -9.66 32.79 18.67
C SER D 41 -10.46 32.29 17.47
N THR D 42 -10.54 33.05 16.36
CA THR D 42 -11.33 32.63 15.21
C THR D 42 -10.48 32.17 14.00
N PHE D 43 -9.13 32.13 14.10
CA PHE D 43 -8.27 31.73 12.97
C PHE D 43 -8.62 30.33 12.41
N PHE D 44 -8.80 29.34 13.28
CA PHE D 44 -9.10 27.99 12.81
C PHE D 44 -10.54 27.87 12.31
N ILE D 45 -11.52 28.40 13.07
CA ILE D 45 -12.95 28.35 12.75
C ILE D 45 -13.26 29.06 11.39
N ARG D 46 -12.73 30.29 11.16
CA ARG D 46 -13.03 31.05 9.93
C ARG D 46 -12.43 30.41 8.67
N ASN D 47 -11.42 29.55 8.83
CA ASN D 47 -10.79 28.89 7.69
C ASN D 47 -11.14 27.40 7.60
N ASN D 48 -11.97 26.89 8.54
CA ASN D 48 -12.35 25.48 8.66
C ASN D 48 -11.09 24.61 8.86
N PHE D 49 -10.25 25.03 9.81
CA PHE D 49 -9.04 24.31 10.20
C PHE D 49 -9.27 23.65 11.55
N VAL D 50 -8.61 22.51 11.77
CA VAL D 50 -8.70 21.79 13.03
C VAL D 50 -7.42 22.05 13.80
N ASP D 51 -7.54 22.59 15.00
CA ASP D 51 -6.41 22.90 15.87
C ASP D 51 -6.12 21.70 16.77
N ARG D 52 -4.93 21.11 16.58
CA ARG D 52 -4.54 19.96 17.38
C ARG D 52 -3.14 20.19 18.03
N GLY D 53 -2.89 21.44 18.42
CA GLY D 53 -1.67 21.83 19.10
C GLY D 53 -1.71 21.52 20.59
N ILE D 54 -0.60 21.01 21.15
CA ILE D 54 -0.57 20.71 22.59
C ILE D 54 0.73 21.27 23.17
N SER D 55 0.61 22.22 24.11
CA SER D 55 1.75 22.85 24.79
C SER D 55 2.75 21.84 25.33
N GLY D 56 4.03 22.14 25.14
CA GLY D 56 5.18 21.38 25.63
C GLY D 56 5.53 20.07 24.94
N GLN D 57 4.75 19.67 23.93
CA GLN D 57 4.97 18.39 23.26
C GLN D 57 6.17 18.41 22.33
N THR D 58 6.86 17.27 22.29
CA THR D 58 7.99 17.05 21.39
C THR D 58 7.47 16.22 20.21
N THR D 59 8.33 15.94 19.22
CA THR D 59 7.96 15.14 18.06
C THR D 59 7.59 13.69 18.48
N SER D 60 8.12 13.21 19.63
CA SER D 60 7.83 11.85 20.12
C SER D 60 6.36 11.71 20.51
N GLU D 61 5.82 12.65 21.32
CA GLU D 61 4.38 12.63 21.71
C GLU D 61 3.49 12.78 20.47
N LEU D 63 4.17 11.99 17.31
CA LEU D 63 4.16 10.78 16.46
C LEU D 63 3.17 9.76 17.04
N VAL D 64 3.13 9.60 18.37
CA VAL D 64 2.24 8.65 19.05
C VAL D 64 0.77 9.13 18.96
N ARG D 65 0.54 10.43 19.12
CA ARG D 65 -0.80 11.05 19.09
C ARG D 65 -1.34 11.23 17.63
N PHE D 66 -0.45 11.12 16.62
CA PHE D 66 -0.73 11.34 15.18
C PHE D 66 -1.92 10.55 14.63
N ARG D 67 -2.06 9.26 15.00
CA ARG D 67 -3.15 8.43 14.52
C ARG D 67 -4.54 8.99 14.95
N GLN D 68 -4.68 9.36 16.26
CA GLN D 68 -5.92 9.87 16.83
CA GLN D 68 -5.95 9.86 16.79
C GLN D 68 -6.25 11.29 16.34
N ASP D 69 -5.26 12.20 16.44
CA ASP D 69 -5.47 13.61 16.12
C ASP D 69 -5.23 14.01 14.67
N VAL D 70 -4.80 13.11 13.80
CA VAL D 70 -4.60 13.47 12.38
C VAL D 70 -5.24 12.41 11.47
N ILE D 71 -4.67 11.17 11.45
CA ILE D 71 -5.10 10.08 10.58
CA ILE D 71 -5.11 10.10 10.56
C ILE D 71 -6.62 9.83 10.70
N ASN D 72 -7.12 9.65 11.93
CA ASN D 72 -8.54 9.34 12.15
C ASN D 72 -9.51 10.47 11.74
N LEU D 73 -8.99 11.71 11.56
CA LEU D 73 -9.83 12.83 11.12
C LEU D 73 -9.91 12.91 9.58
N LYS D 74 -9.14 12.05 8.88
CA LYS D 74 -9.09 11.98 7.40
C LYS D 74 -9.03 13.39 6.74
N PRO D 75 -8.06 14.28 7.11
CA PRO D 75 -8.02 15.59 6.45
C PRO D 75 -7.40 15.53 5.07
N LYS D 76 -7.59 16.60 4.28
CA LYS D 76 -6.95 16.75 2.98
C LYS D 76 -5.46 16.96 3.20
N ALA D 77 -5.12 17.73 4.25
CA ALA D 77 -3.74 18.03 4.57
C ALA D 77 -3.51 18.18 6.07
N VAL D 78 -2.26 18.05 6.48
CA VAL D 78 -1.82 18.27 7.87
C VAL D 78 -0.68 19.29 7.84
N VAL D 79 -0.76 20.30 8.68
CA VAL D 79 0.25 21.35 8.82
C VAL D 79 1.05 20.99 10.06
N ILE D 80 2.35 20.68 9.89
CA ILE D 80 3.17 20.23 11.02
C ILE D 80 4.19 21.31 11.40
N LEU D 81 4.15 21.76 12.65
CA LEU D 81 5.13 22.68 13.22
C LEU D 81 5.59 22.04 14.51
N ALA D 82 6.78 21.41 14.49
CA ALA D 82 7.28 20.66 15.64
C ALA D 82 8.79 20.54 15.68
N GLY D 83 9.34 20.33 16.88
CA GLY D 83 10.77 20.13 17.06
C GLY D 83 11.45 21.04 18.06
N ILE D 84 10.88 22.24 18.35
CA ILE D 84 11.50 23.18 19.29
C ILE D 84 11.57 22.59 20.71
N ASN D 85 10.53 21.84 21.14
CA ASN D 85 10.54 21.27 22.50
C ASN D 85 11.52 20.09 22.57
N ASP D 86 11.82 19.44 21.44
CA ASP D 86 12.85 18.39 21.38
C ASP D 86 14.22 19.01 21.59
N ILE D 87 14.44 20.22 20.99
CA ILE D 87 15.69 20.98 21.12
C ILE D 87 15.86 21.44 22.58
N ALA D 88 14.73 21.75 23.26
CA ALA D 88 14.72 22.13 24.68
C ALA D 88 14.80 20.91 25.61
N HIS D 89 14.77 19.68 25.05
CA HIS D 89 14.81 18.40 25.77
C HIS D 89 13.62 18.25 26.73
N ASN D 90 12.40 18.67 26.31
CA ASN D 90 11.19 18.55 27.15
C ASN D 90 10.88 17.08 27.49
N ASN D 91 11.16 16.16 26.57
CA ASN D 91 10.95 14.72 26.80
C ASN D 91 12.31 14.03 27.03
N GLY D 92 13.28 14.78 27.52
CA GLY D 92 14.61 14.28 27.78
C GLY D 92 15.55 14.49 26.61
N VAL D 93 16.78 14.00 26.76
CA VAL D 93 17.84 14.13 25.74
CA VAL D 93 17.83 14.13 25.73
C VAL D 93 17.42 13.33 24.48
N ILE D 94 17.60 13.94 23.30
CA ILE D 94 17.29 13.32 22.02
C ILE D 94 18.24 13.90 20.96
N ALA D 95 18.86 13.04 20.14
CA ALA D 95 19.74 13.51 19.06
C ALA D 95 18.88 14.18 17.98
N LEU D 96 19.38 15.29 17.41
CA LEU D 96 18.66 16.08 16.41
C LEU D 96 18.22 15.22 15.21
N GLU D 97 19.04 14.22 14.80
CA GLU D 97 18.67 13.34 13.68
C GLU D 97 17.45 12.45 14.03
N ASN D 98 17.24 12.14 15.33
CA ASN D 98 16.11 11.32 15.78
C ASN D 98 14.84 12.18 15.87
N VAL D 99 15.00 13.50 16.08
CA VAL D 99 13.91 14.50 16.04
C VAL D 99 13.41 14.54 14.59
N PHE D 100 14.35 14.64 13.63
CA PHE D 100 14.06 14.62 12.20
C PHE D 100 13.37 13.31 11.81
N GLY D 101 13.85 12.19 12.36
CA GLY D 101 13.30 10.86 12.14
C GLY D 101 11.84 10.74 12.51
N ASN D 102 11.44 11.37 13.65
CA ASN D 102 10.05 11.40 14.09
C ASN D 102 9.17 12.15 13.10
N LEU D 103 9.70 13.26 12.54
CA LEU D 103 8.99 14.07 11.54
C LEU D 103 8.82 13.28 10.25
N VAL D 104 9.85 12.48 9.86
CA VAL D 104 9.80 11.62 8.66
C VAL D 104 8.73 10.55 8.87
N SER D 105 8.66 9.96 10.07
CA SER D 105 7.66 8.93 10.37
C SER D 105 6.24 9.51 10.31
N ALA D 107 5.35 12.10 8.37
CA ALA D 107 5.14 12.33 6.93
C ALA D 107 4.78 11.03 6.21
N GLU D 108 5.46 9.92 6.57
CA GLU D 108 5.21 8.61 5.96
C GLU D 108 3.83 8.06 6.35
N LEU D 109 3.38 8.28 7.61
CA LEU D 109 2.06 7.85 8.07
C LEU D 109 0.96 8.64 7.35
N ALA D 110 1.19 9.95 7.16
CA ALA D 110 0.23 10.81 6.46
C ALA D 110 0.12 10.40 4.98
N LYS D 111 1.27 10.13 4.32
CA LYS D 111 1.30 9.72 2.90
C LYS D 111 0.58 8.40 2.69
N ALA D 112 0.80 7.42 3.59
CA ALA D 112 0.17 6.09 3.55
C ALA D 112 -1.36 6.18 3.68
N ASN D 113 -1.85 7.28 4.29
CA ASN D 113 -3.27 7.52 4.53
C ASN D 113 -3.84 8.61 3.60
N HIS D 114 -3.06 8.97 2.55
CA HIS D 114 -3.37 9.91 1.49
C HIS D 114 -3.67 11.32 2.02
N ILE D 115 -2.89 11.74 3.02
CA ILE D 115 -2.96 13.07 3.61
C ILE D 115 -1.73 13.86 3.12
N LYS D 116 -1.94 15.06 2.58
CA LYS D 116 -0.86 15.92 2.10
C LYS D 116 -0.15 16.55 3.28
N VAL D 117 1.19 16.48 3.31
CA VAL D 117 1.95 17.04 4.43
C VAL D 117 2.47 18.42 4.06
N ILE D 118 2.20 19.38 4.94
CA ILE D 118 2.71 20.74 4.84
C ILE D 118 3.64 20.90 6.03
N PHE D 119 4.95 20.90 5.76
CA PHE D 119 5.95 21.06 6.81
C PHE D 119 6.25 22.53 7.05
N CYS D 120 6.38 22.92 8.32
CA CYS D 120 6.72 24.29 8.72
C CYS D 120 8.12 24.32 9.30
N SER D 121 8.84 25.38 8.96
CA SER D 121 10.14 25.66 9.56
C SER D 121 9.95 25.86 11.06
N VAL D 122 10.83 25.26 11.87
CA VAL D 122 10.82 25.51 13.31
C VAL D 122 11.11 27.01 13.47
N LEU D 123 10.37 27.69 14.34
CA LEU D 123 10.54 29.14 14.52
C LEU D 123 11.93 29.49 15.09
N PRO D 124 12.47 30.69 14.78
CA PRO D 124 13.74 31.10 15.39
C PRO D 124 13.64 31.15 16.91
N ALA D 125 14.71 30.80 17.61
CA ALA D 125 14.83 30.85 19.06
C ALA D 125 16.27 31.00 19.41
N TYR D 126 16.59 32.09 20.14
CA TYR D 126 17.95 32.36 20.56
C TYR D 126 18.24 31.72 21.93
N ASP D 127 17.22 31.60 22.79
CA ASP D 127 17.37 31.04 24.14
C ASP D 127 16.04 30.64 24.73
N PHE D 128 16.05 29.63 25.63
CA PHE D 128 14.86 29.18 26.37
C PHE D 128 14.99 29.74 27.78
N PRO D 129 14.20 30.78 28.18
CA PRO D 129 14.40 31.37 29.53
C PRO D 129 14.24 30.33 30.65
N TRP D 130 13.38 29.32 30.45
CA TRP D 130 13.14 28.27 31.45
C TRP D 130 14.12 27.11 31.33
N ARG D 131 14.95 27.10 30.28
CA ARG D 131 15.99 26.10 30.01
C ARG D 131 17.25 26.84 29.48
N PRO D 132 17.92 27.66 30.33
CA PRO D 132 19.06 28.46 29.85
C PRO D 132 20.29 27.67 29.38
N GLY D 133 21.08 28.33 28.53
CA GLY D 133 22.33 27.80 27.99
C GLY D 133 22.21 26.63 27.05
N GLN D 135 21.61 27.05 23.75
CA GLN D 135 22.02 27.60 22.44
C GLN D 135 21.17 27.00 21.29
N PRO D 136 19.82 27.24 21.26
CA PRO D 136 19.00 26.58 20.22
C PRO D 136 19.10 27.11 18.79
N ALA D 137 19.55 28.38 18.58
CA ALA D 137 19.56 29.06 17.27
C ALA D 137 20.06 28.21 16.11
N ASP D 138 21.29 27.64 16.21
CA ASP D 138 21.91 26.86 15.13
C ASP D 138 21.30 25.48 15.00
N LYS D 139 20.73 24.93 16.10
CA LYS D 139 20.05 23.62 16.11
C LYS D 139 18.76 23.71 15.31
N VAL D 140 18.01 24.83 15.50
CA VAL D 140 16.77 25.14 14.75
C VAL D 140 17.12 25.21 13.25
N ILE D 141 18.23 25.92 12.90
CA ILE D 141 18.66 26.09 11.51
C ILE D 141 19.03 24.73 10.91
N GLN D 142 19.76 23.87 11.66
CA GLN D 142 20.17 22.55 11.16
C GLN D 142 18.93 21.67 10.89
N LEU D 143 18.02 21.60 11.86
CA LEU D 143 16.78 20.82 11.72
C LEU D 143 15.97 21.31 10.53
N ASN D 144 15.84 22.65 10.35
CA ASN D 144 15.08 23.24 9.22
C ASN D 144 15.71 22.89 7.88
N LYS D 145 17.05 22.79 7.81
CA LYS D 145 17.76 22.42 6.59
C LYS D 145 17.34 21.01 6.16
N TRP D 146 17.26 20.09 7.13
CA TRP D 146 16.85 18.70 6.92
C TRP D 146 15.39 18.61 6.52
N ILE D 147 14.50 19.35 7.23
CA ILE D 147 13.07 19.38 6.92
C ILE D 147 12.85 19.90 5.48
N LYS D 148 13.49 21.03 5.12
CA LYS D 148 13.36 21.62 3.77
C LYS D 148 13.86 20.68 2.67
N GLU D 149 15.02 20.04 2.87
CA GLU D 149 15.59 19.08 1.92
C GLU D 149 14.67 17.86 1.75
N TYR D 150 14.08 17.36 2.85
CA TYR D 150 13.13 16.25 2.81
C TYR D 150 11.85 16.65 2.05
N ALA D 151 11.30 17.85 2.36
CA ALA D 151 10.09 18.36 1.71
C ALA D 151 10.29 18.53 0.20
N ASP D 152 11.45 19.10 -0.22
CA ASP D 152 11.78 19.31 -1.64
C ASP D 152 11.91 17.97 -2.38
N LYS D 153 12.62 17.00 -1.79
CA LYS D 153 12.85 15.67 -2.35
C LYS D 153 11.56 14.84 -2.45
N ASN D 154 10.55 15.13 -1.60
CA ASN D 154 9.32 14.34 -1.58
C ASN D 154 8.06 15.11 -2.09
N GLY D 155 8.27 16.24 -2.74
CA GLY D 155 7.20 17.07 -3.30
C GLY D 155 6.22 17.60 -2.27
N LEU D 156 6.72 17.89 -1.05
CA LEU D 156 5.91 18.42 0.05
C LEU D 156 6.11 19.92 0.13
N THR D 157 5.06 20.65 0.53
CA THR D 157 5.13 22.10 0.69
C THR D 157 5.92 22.45 1.96
N TYR D 158 6.86 23.43 1.86
CA TYR D 158 7.64 23.89 3.01
C TYR D 158 7.22 25.32 3.34
N VAL D 159 6.80 25.56 4.59
CA VAL D 159 6.34 26.87 5.06
C VAL D 159 7.51 27.51 5.81
N ASP D 160 8.11 28.53 5.22
CA ASP D 160 9.28 29.16 5.80
C ASP D 160 8.93 30.34 6.70
N TYR D 161 8.46 30.02 7.91
CA TYR D 161 8.19 31.03 8.93
C TYR D 161 9.50 31.68 9.37
N HIS D 162 10.56 30.84 9.53
CA HIS D 162 11.87 31.19 10.06
C HIS D 162 12.52 32.37 9.33
N SER D 163 12.63 32.33 7.98
CA SER D 163 13.26 33.44 7.23
C SER D 163 12.47 34.75 7.34
N ALA D 164 11.14 34.64 7.48
CA ALA D 164 10.25 35.80 7.58
C ALA D 164 10.26 36.43 8.96
N LYS D 166 13.07 35.79 11.59
CA LYS D 166 14.37 35.84 12.29
C LYS D 166 15.00 37.23 12.35
N ASP D 167 15.77 37.49 13.41
CA ASP D 167 16.57 38.70 13.58
C ASP D 167 18.03 38.34 13.25
N GLU D 168 18.99 39.26 13.49
CA GLU D 168 20.42 39.09 13.20
C GLU D 168 21.09 37.94 13.97
N ARG D 169 20.53 37.51 15.12
CA ARG D 169 21.13 36.45 15.91
C ARG D 169 20.33 35.14 15.80
N ASN D 170 19.48 35.04 14.76
CA ASN D 170 18.61 33.88 14.43
C ASN D 170 17.63 33.54 15.58
N GLY D 171 17.15 34.58 16.24
CA GLY D 171 16.15 34.48 17.29
C GLY D 171 14.93 35.26 16.85
N LEU D 172 13.96 35.41 17.75
CA LEU D 172 12.76 36.22 17.49
C LEU D 172 12.92 37.61 18.09
N PRO D 173 12.63 38.70 17.34
CA PRO D 173 12.73 40.05 17.94
C PRO D 173 11.58 40.30 18.91
N ALA D 174 11.78 41.26 19.83
CA ALA D 174 10.83 41.64 20.90
C ALA D 174 9.41 41.92 20.39
N ASN D 175 9.24 42.52 19.21
CA ASN D 175 7.90 42.82 18.68
C ASN D 175 7.16 41.55 18.23
N LEU D 176 7.91 40.49 17.88
CA LEU D 176 7.30 39.23 17.42
C LEU D 176 7.21 38.18 18.52
N SER D 177 7.95 38.39 19.64
CA SER D 177 7.93 37.48 20.79
C SER D 177 8.41 38.15 22.06
N LYS D 178 7.64 37.99 23.15
CA LYS D 178 8.02 38.55 24.45
C LYS D 178 9.12 37.69 25.11
N ASP D 179 8.94 36.35 25.16
CA ASP D 179 9.90 35.43 25.80
C ASP D 179 11.04 34.98 24.88
N GLY D 180 10.89 35.20 23.57
CA GLY D 180 11.87 34.85 22.56
C GLY D 180 11.57 33.50 21.92
N VAL D 181 10.51 32.85 22.37
CA VAL D 181 10.11 31.53 21.88
C VAL D 181 8.70 31.61 21.28
N HIS D 182 7.70 32.02 22.09
CA HIS D 182 6.29 32.06 21.67
C HIS D 182 5.95 33.36 20.97
N PRO D 183 5.27 33.29 19.80
CA PRO D 183 4.94 34.55 19.11
C PRO D 183 3.85 35.37 19.78
N THR D 184 3.91 36.69 19.53
CA THR D 184 2.88 37.68 19.87
C THR D 184 1.83 37.59 18.77
N LEU D 185 0.71 38.34 18.87
CA LEU D 185 -0.28 38.39 17.80
C LEU D 185 0.39 38.88 16.49
N GLU D 186 1.34 39.85 16.57
CA GLU D 186 2.11 40.34 15.43
C GLU D 186 2.85 39.19 14.74
N GLY D 187 3.45 38.31 15.55
CA GLY D 187 4.14 37.12 15.05
C GLY D 187 3.19 36.15 14.37
N TYR D 188 2.01 35.92 14.98
CA TYR D 188 0.98 35.02 14.43
C TYR D 188 0.37 35.54 13.13
N LYS D 189 0.28 36.86 12.96
CA LYS D 189 -0.26 37.45 11.73
C LYS D 189 0.72 37.25 10.55
N ILE D 190 2.05 37.27 10.83
CA ILE D 190 3.07 36.97 9.80
C ILE D 190 2.87 35.52 9.35
N GLU D 192 0.17 33.56 9.72
CA GLU D 192 -1.14 33.38 9.10
C GLU D 192 -1.07 33.64 7.58
N LYS D 193 -0.43 34.75 7.15
CA LYS D 193 -0.30 35.11 5.74
C LYS D 193 0.47 34.04 4.96
N ILE D 194 1.59 33.55 5.51
CA ILE D 194 2.46 32.56 4.87
C ILE D 194 1.77 31.17 4.78
N VAL D 195 1.16 30.71 5.89
CA VAL D 195 0.54 29.38 5.90
C VAL D 195 -0.73 29.35 5.04
N LEU D 196 -1.50 30.46 4.97
CA LEU D 196 -2.72 30.50 4.13
C LEU D 196 -2.35 30.37 2.66
N GLU D 197 -1.25 31.03 2.24
CA GLU D 197 -0.75 30.98 0.86
C GLU D 197 -0.28 29.54 0.53
N ALA D 198 0.41 28.89 1.48
CA ALA D 198 0.90 27.53 1.30
C ALA D 198 -0.25 26.52 1.19
N ILE D 199 -1.29 26.65 2.04
CA ILE D 199 -2.48 25.78 2.03
C ILE D 199 -3.24 25.94 0.69
N HIS D 200 -3.48 27.20 0.22
CA HIS D 200 -4.17 27.51 -1.05
CA HIS D 200 -4.19 27.47 -1.04
C HIS D 200 -3.48 26.88 -2.27
N LYS D 201 -2.13 26.84 -2.24
CA LYS D 201 -1.29 26.28 -3.29
CA LYS D 201 -1.31 26.28 -3.31
C LYS D 201 -1.32 24.74 -3.29
N THR D 202 -1.42 24.14 -2.09
CA THR D 202 -1.39 22.69 -1.85
C THR D 202 -2.77 21.99 -1.89
N VAL D 203 -3.79 22.60 -1.26
CA VAL D 203 -5.13 22.04 -1.10
C VAL D 203 -6.10 22.71 -2.06
#